data_3GYK
#
_entry.id   3GYK
#
_cell.length_a   67.836
_cell.length_b   91.700
_cell.length_c   67.911
_cell.angle_alpha   90.00
_cell.angle_beta   120.00
_cell.angle_gamma   90.00
#
_symmetry.space_group_name_H-M   'P 1 21 1'
#
loop_
_entity.id
_entity.type
_entity.pdbx_description
1 polymer '27kDa outer membrane protein'
2 non-polymer 'SULFATE ION'
3 non-polymer 1,2-ETHANEDIOL
4 water water
#
_entity_poly.entity_id   1
_entity_poly.type   'polypeptide(L)'
_entity_poly.pdbx_seq_one_letter_code
;SNANRDSLFNDPNAPVLGNPEGDVTVVEFFDYNCPYCRRA(MSE)AEVQGLVDADPNVRLVYREWPILGEGSDFAARAAL
AARQQGKYEAFHWAL(MSE)G(MSE)SGKANETGVLRIAREVGLDTEQLQRD(MSE)EAPEVTAHIAQS(MSE)ALAQKL
GFNGTPSFVVEDALVPGFVEQSQLQDAVDRARKAA
;
_entity_poly.pdbx_strand_id   A,B,C,D
#
loop_
_chem_comp.id
_chem_comp.type
_chem_comp.name
_chem_comp.formula
EDO non-polymer 1,2-ETHANEDIOL 'C2 H6 O2'
SO4 non-polymer 'SULFATE ION' 'O4 S -2'
#
# COMPACT_ATOMS: atom_id res chain seq x y z
N ASN A 2 1.96 -9.03 -1.43
CA ASN A 2 2.66 -8.07 -2.33
C ASN A 2 1.70 -7.04 -2.99
N ALA A 3 1.83 -6.83 -4.31
CA ALA A 3 1.09 -5.79 -5.05
C ALA A 3 -0.38 -6.10 -5.19
N ASN A 4 -0.68 -7.38 -5.46
CA ASN A 4 -2.05 -7.85 -5.53
C ASN A 4 -2.73 -7.63 -4.22
N ARG A 5 -2.04 -8.01 -3.14
CA ARG A 5 -2.59 -7.86 -1.81
C ARG A 5 -2.82 -6.39 -1.51
N ASP A 6 -1.86 -5.55 -1.84
CA ASP A 6 -1.97 -4.12 -1.63
C ASP A 6 -3.17 -3.51 -2.33
N SER A 7 -3.40 -3.90 -3.59
N SER A 7 -3.39 -3.89 -3.59
CA SER A 7 -4.56 -3.36 -4.33
CA SER A 7 -4.53 -3.35 -4.34
C SER A 7 -5.88 -3.82 -3.73
C SER A 7 -5.88 -3.86 -3.82
N LEU A 8 -5.90 -5.05 -3.21
CA LEU A 8 -7.15 -5.59 -2.69
C LEU A 8 -7.44 -5.13 -1.28
N PHE A 9 -6.42 -5.12 -0.45
CA PHE A 9 -6.66 -4.96 0.98
C PHE A 9 -6.23 -3.61 1.52
N ASN A 10 -5.38 -2.89 0.79
CA ASN A 10 -4.85 -1.62 1.33
C ASN A 10 -5.11 -0.36 0.49
N ASP A 11 -6.21 -0.38 -0.24
CA ASP A 11 -6.58 0.78 -1.06
C ASP A 11 -7.31 1.84 -0.20
N PRO A 12 -6.74 3.04 -0.05
CA PRO A 12 -7.41 4.03 0.82
C PRO A 12 -8.75 4.52 0.29
N ASN A 13 -9.01 4.29 -1.00
CA ASN A 13 -10.25 4.74 -1.63
C ASN A 13 -11.33 3.65 -1.57
N ALA A 14 -11.07 2.57 -0.83
CA ALA A 14 -12.08 1.50 -0.66
C ALA A 14 -12.54 1.51 0.79
N PRO A 15 -13.87 1.62 1.02
CA PRO A 15 -14.31 1.63 2.43
C PRO A 15 -13.90 0.39 3.22
N VAL A 16 -13.59 0.62 4.49
CA VAL A 16 -13.26 -0.45 5.41
C VAL A 16 -14.31 -0.49 6.53
N LEU A 17 -14.92 -1.66 6.71
CA LEU A 17 -15.85 -1.90 7.81
C LEU A 17 -15.30 -3.02 8.69
N GLY A 18 -16.01 -3.35 9.77
CA GLY A 18 -15.56 -4.42 10.66
C GLY A 18 -14.35 -3.90 11.43
N ASN A 19 -13.39 -4.77 11.71
CA ASN A 19 -12.25 -4.37 12.54
C ASN A 19 -11.14 -3.91 11.59
N PRO A 20 -10.73 -2.64 11.65
CA PRO A 20 -9.74 -2.18 10.65
C PRO A 20 -8.39 -2.90 10.77
N GLU A 21 -8.13 -3.49 11.93
CA GLU A 21 -6.91 -4.32 12.09
C GLU A 21 -7.17 -5.82 12.24
N GLY A 22 -8.34 -6.28 11.77
CA GLY A 22 -8.70 -7.71 11.82
C GLY A 22 -7.68 -8.52 11.03
N ASP A 23 -7.48 -9.78 11.40
CA ASP A 23 -6.38 -10.57 10.79
C ASP A 23 -6.78 -11.29 9.50
N VAL A 24 -8.06 -11.22 9.16
CA VAL A 24 -8.60 -11.73 7.88
C VAL A 24 -9.38 -10.60 7.22
N THR A 25 -9.05 -10.30 5.97
CA THR A 25 -9.84 -9.35 5.17
C THR A 25 -10.79 -10.06 4.22
N VAL A 26 -12.06 -9.65 4.28
CA VAL A 26 -13.08 -10.11 3.33
C VAL A 26 -13.40 -8.95 2.42
N VAL A 27 -13.27 -9.14 1.11
CA VAL A 27 -13.65 -8.07 0.17
C VAL A 27 -14.96 -8.47 -0.49
N GLU A 28 -15.93 -7.55 -0.58
CA GLU A 28 -17.16 -7.86 -1.31
C GLU A 28 -17.30 -6.89 -2.47
N PHE A 29 -17.64 -7.43 -3.64
CA PHE A 29 -17.97 -6.63 -4.83
C PHE A 29 -19.49 -6.71 -4.95
N PHE A 30 -20.16 -5.57 -5.06
CA PHE A 30 -21.63 -5.60 -5.02
C PHE A 30 -22.27 -4.45 -5.82
N ASP A 31 -23.58 -4.60 -6.05
CA ASP A 31 -24.42 -3.65 -6.82
C ASP A 31 -25.72 -3.55 -6.02
N TYR A 32 -26.21 -2.32 -5.79
CA TYR A 32 -27.39 -2.11 -4.95
C TYR A 32 -28.70 -2.66 -5.51
N ASN A 33 -28.72 -3.04 -6.79
CA ASN A 33 -29.89 -3.63 -7.41
C ASN A 33 -29.78 -5.14 -7.63
N CYS A 34 -28.70 -5.72 -7.12
CA CYS A 34 -28.49 -7.15 -7.27
C CYS A 34 -29.22 -7.94 -6.17
N PRO A 35 -30.15 -8.82 -6.57
CA PRO A 35 -30.96 -9.56 -5.58
C PRO A 35 -30.10 -10.39 -4.64
N TYR A 36 -29.05 -11.03 -5.17
CA TYR A 36 -28.20 -11.81 -4.27
C TYR A 36 -27.32 -10.95 -3.37
N CYS A 37 -26.93 -9.74 -3.82
CA CYS A 37 -26.27 -8.78 -2.90
C CYS A 37 -27.18 -8.38 -1.76
N ARG A 38 -28.44 -8.11 -2.07
CA ARG A 38 -29.37 -7.74 -1.02
C ARG A 38 -29.53 -8.89 0.00
N ARG A 39 -29.55 -10.12 -0.51
CA ARG A 39 -29.60 -11.32 0.32
C ARG A 39 -28.30 -11.51 1.16
N ALA A 40 -27.15 -11.18 0.56
CA ALA A 40 -25.86 -11.33 1.24
C ALA A 40 -25.71 -10.32 2.39
N MSE A 41 -26.45 -9.22 2.36
CA MSE A 41 -26.26 -8.18 3.41
C MSE A 41 -26.37 -8.75 4.82
O MSE A 41 -25.49 -8.52 5.66
CB MSE A 41 -27.25 -7.02 3.23
CG MSE A 41 -27.17 -6.03 4.36
SE MSE A 41 -28.58 -4.73 4.25
CE MSE A 41 -29.93 -5.68 5.23
N ALA A 42 -27.44 -9.52 5.10
CA ALA A 42 -27.60 -10.08 6.43
C ALA A 42 -26.52 -11.11 6.80
N GLU A 43 -25.99 -11.82 5.79
CA GLU A 43 -24.92 -12.81 5.98
C GLU A 43 -23.62 -12.13 6.36
N VAL A 44 -23.29 -11.06 5.65
CA VAL A 44 -22.08 -10.27 5.92
C VAL A 44 -22.20 -9.55 7.27
N GLN A 45 -23.36 -8.91 7.54
CA GLN A 45 -23.58 -8.31 8.87
C GLN A 45 -23.45 -9.35 9.97
N GLY A 46 -23.99 -10.54 9.74
CA GLY A 46 -23.90 -11.62 10.69
C GLY A 46 -22.46 -12.03 10.97
N LEU A 47 -21.69 -12.20 9.91
CA LEU A 47 -20.26 -12.51 10.03
C LEU A 47 -19.54 -11.50 10.92
N VAL A 48 -19.69 -10.21 10.59
N VAL A 48 -19.62 -10.20 10.62
CA VAL A 48 -19.10 -9.08 11.31
CA VAL A 48 -18.86 -9.25 11.46
C VAL A 48 -19.52 -9.02 12.77
C VAL A 48 -19.37 -9.13 12.89
N ASP A 49 -20.76 -9.41 13.07
N ASP A 49 -20.67 -9.34 13.10
CA ASP A 49 -21.23 -9.44 14.45
CA ASP A 49 -21.16 -9.39 14.48
C ASP A 49 -20.66 -10.60 15.25
C ASP A 49 -20.58 -10.58 15.25
N ALA A 50 -20.44 -11.71 14.56
CA ALA A 50 -19.98 -12.94 15.18
C ALA A 50 -18.47 -12.96 15.37
N ASP A 51 -17.76 -12.32 14.45
CA ASP A 51 -16.30 -12.38 14.38
C ASP A 51 -15.70 -10.98 14.41
N PRO A 52 -15.26 -10.53 15.60
CA PRO A 52 -14.73 -9.19 15.76
C PRO A 52 -13.32 -9.02 15.21
N ASN A 53 -12.79 -10.06 14.55
CA ASN A 53 -11.43 -10.00 14.02
C ASN A 53 -11.43 -10.07 12.49
N VAL A 54 -12.56 -9.69 11.89
CA VAL A 54 -12.72 -9.68 10.41
C VAL A 54 -12.76 -8.22 9.98
N ARG A 55 -11.92 -7.91 9.01
CA ARG A 55 -11.88 -6.64 8.33
C ARG A 55 -12.65 -6.79 7.03
N LEU A 56 -13.52 -5.83 6.72
N LEU A 56 -13.57 -5.85 6.78
CA LEU A 56 -14.40 -5.96 5.54
CA LEU A 56 -14.36 -5.86 5.55
C LEU A 56 -14.19 -4.79 4.58
C LEU A 56 -13.79 -4.80 4.64
N VAL A 57 -13.73 -5.09 3.35
CA VAL A 57 -13.36 -4.07 2.36
C VAL A 57 -14.44 -4.09 1.28
N TYR A 58 -14.93 -2.91 0.91
CA TYR A 58 -15.99 -2.84 -0.09
C TYR A 58 -15.52 -2.33 -1.45
N ARG A 59 -15.92 -3.05 -2.50
CA ARG A 59 -15.75 -2.58 -3.87
C ARG A 59 -17.14 -2.35 -4.46
N GLU A 60 -17.46 -1.08 -4.66
CA GLU A 60 -18.71 -0.72 -5.35
C GLU A 60 -18.49 -1.05 -6.81
N TRP A 61 -19.29 -1.98 -7.33
CA TRP A 61 -19.16 -2.44 -8.71
C TRP A 61 -20.52 -2.39 -9.39
N PRO A 62 -20.96 -1.16 -9.71
CA PRO A 62 -22.28 -1.00 -10.34
C PRO A 62 -22.27 -1.53 -11.79
N ILE A 63 -23.07 -2.56 -12.03
CA ILE A 63 -23.09 -3.27 -13.32
C ILE A 63 -24.51 -3.49 -13.85
N LEU A 64 -25.52 -3.14 -13.08
CA LEU A 64 -26.90 -3.43 -13.44
C LEU A 64 -27.65 -2.19 -13.91
N GLY A 65 -26.91 -1.15 -14.29
CA GLY A 65 -27.50 -0.06 -15.06
C GLY A 65 -27.35 1.31 -14.43
N GLU A 66 -28.13 2.27 -14.93
N GLU A 66 -28.13 2.27 -14.93
CA GLU A 66 -27.96 3.66 -14.51
CA GLU A 66 -27.98 3.67 -14.52
C GLU A 66 -28.37 3.90 -13.05
C GLU A 66 -28.39 3.92 -13.06
N GLY A 67 -29.41 3.19 -12.58
CA GLY A 67 -29.84 3.31 -11.17
C GLY A 67 -28.74 2.79 -10.26
N SER A 68 -28.18 1.64 -10.63
CA SER A 68 -27.06 1.08 -9.89
C SER A 68 -25.86 2.02 -9.85
N ASP A 69 -25.55 2.65 -10.99
CA ASP A 69 -24.46 3.61 -11.04
CA ASP A 69 -24.49 3.65 -11.09
C ASP A 69 -24.75 4.79 -10.10
N PHE A 70 -25.98 5.30 -10.12
CA PHE A 70 -26.36 6.42 -9.25
C PHE A 70 -26.12 6.04 -7.79
N ALA A 71 -26.64 4.88 -7.41
CA ALA A 71 -26.51 4.37 -6.05
C ALA A 71 -25.04 4.23 -5.60
N ALA A 72 -24.21 3.62 -6.45
CA ALA A 72 -22.78 3.48 -6.14
C ALA A 72 -22.10 4.86 -5.97
N ARG A 73 -22.38 5.79 -6.88
N ARG A 73 -22.39 5.79 -6.88
CA ARG A 73 -21.80 7.13 -6.76
CA ARG A 73 -21.80 7.13 -6.78
C ARG A 73 -22.26 7.81 -5.47
C ARG A 73 -22.28 7.88 -5.53
N ALA A 74 -23.55 7.70 -5.18
CA ALA A 74 -24.16 8.34 -4.00
C ALA A 74 -23.53 7.76 -2.73
N ALA A 75 -23.39 6.44 -2.69
CA ALA A 75 -22.81 5.80 -1.53
C ALA A 75 -21.38 6.28 -1.31
N LEU A 76 -20.56 6.27 -2.36
CA LEU A 76 -19.18 6.73 -2.22
C LEU A 76 -19.14 8.20 -1.81
N ALA A 77 -20.04 9.02 -2.38
CA ALA A 77 -20.13 10.44 -1.96
C ALA A 77 -20.46 10.61 -0.47
N ALA A 78 -21.23 9.67 0.10
CA ALA A 78 -21.63 9.76 1.50
C ALA A 78 -20.44 9.68 2.46
N ARG A 79 -19.30 9.19 1.97
CA ARG A 79 -18.08 9.21 2.80
C ARG A 79 -17.74 10.64 3.26
N GLN A 80 -18.04 11.63 2.41
CA GLN A 80 -17.71 13.02 2.71
C GLN A 80 -18.53 13.56 3.87
N GLN A 81 -19.61 12.86 4.20
CA GLN A 81 -20.50 13.26 5.29
C GLN A 81 -20.42 12.27 6.44
N GLY A 82 -19.49 11.33 6.34
CA GLY A 82 -19.21 10.39 7.42
C GLY A 82 -20.32 9.39 7.61
N LYS A 83 -21.05 9.08 6.53
CA LYS A 83 -22.26 8.28 6.65
C LYS A 83 -22.28 7.12 5.67
N TYR A 84 -21.10 6.70 5.17
CA TYR A 84 -21.02 5.59 4.22
C TYR A 84 -21.71 4.32 4.74
N GLU A 85 -21.30 3.85 5.92
CA GLU A 85 -21.81 2.58 6.41
C GLU A 85 -23.34 2.60 6.59
N ALA A 86 -23.87 3.63 7.24
CA ALA A 86 -25.32 3.70 7.49
C ALA A 86 -26.06 3.74 6.16
N PHE A 87 -25.51 4.49 5.21
CA PHE A 87 -26.16 4.62 3.89
C PHE A 87 -26.12 3.30 3.11
N HIS A 88 -24.98 2.62 3.15
CA HIS A 88 -24.83 1.32 2.52
C HIS A 88 -25.87 0.31 3.03
N TRP A 89 -25.99 0.18 4.36
CA TRP A 89 -26.95 -0.76 4.93
C TRP A 89 -28.37 -0.37 4.55
N ALA A 90 -28.65 0.93 4.50
CA ALA A 90 -30.03 1.39 4.23
C ALA A 90 -30.43 1.15 2.77
N LEU A 91 -29.49 1.41 1.86
CA LEU A 91 -29.67 1.11 0.44
C LEU A 91 -29.83 -0.37 0.21
N MSE A 92 -28.90 -1.15 0.74
CA MSE A 92 -28.92 -2.58 0.52
C MSE A 92 -30.14 -3.26 1.15
O MSE A 92 -30.59 -4.32 0.68
CB MSE A 92 -27.56 -3.18 0.96
CG MSE A 92 -27.23 -4.51 0.40
SE MSE A 92 -27.20 -4.57 -1.57
CE MSE A 92 -25.42 -3.96 -1.97
N GLY A 93 -30.74 -2.62 2.17
CA GLY A 93 -31.94 -3.13 2.81
C GLY A 93 -33.26 -2.52 2.36
N MSE A 94 -33.19 -1.70 1.31
CA MSE A 94 -34.38 -0.97 0.86
C MSE A 94 -35.39 -1.86 0.12
O MSE A 94 -35.05 -2.93 -0.38
CB MSE A 94 -33.99 0.20 -0.04
CG MSE A 94 -33.73 -0.19 -1.48
SE MSE A 94 -32.89 1.27 -2.41
CE MSE A 94 -34.49 2.40 -2.66
N SER A 95 -36.63 -1.39 0.04
CA SER A 95 -37.64 -2.08 -0.74
C SER A 95 -37.72 -1.35 -2.10
N GLY A 96 -37.70 -2.11 -3.19
CA GLY A 96 -37.78 -1.45 -4.51
C GLY A 96 -36.43 -1.02 -5.06
N LYS A 97 -36.48 -0.39 -6.22
CA LYS A 97 -35.29 -0.18 -7.04
C LYS A 97 -34.40 0.94 -6.52
N ALA A 98 -33.10 0.68 -6.56
CA ALA A 98 -32.13 1.73 -6.33
C ALA A 98 -31.97 2.53 -7.62
N ASN A 99 -32.75 3.61 -7.72
CA ASN A 99 -32.67 4.54 -8.81
C ASN A 99 -32.58 5.95 -8.20
N GLU A 100 -32.51 6.97 -9.04
CA GLU A 100 -32.24 8.33 -8.55
C GLU A 100 -33.21 8.73 -7.44
N THR A 101 -34.51 8.54 -7.66
N THR A 101 -34.51 8.54 -7.69
CA THR A 101 -35.49 8.94 -6.65
CA THR A 101 -35.56 8.88 -6.73
C THR A 101 -35.45 8.07 -5.39
C THR A 101 -35.43 8.08 -5.42
N GLY A 102 -35.23 6.77 -5.54
CA GLY A 102 -35.15 5.86 -4.39
C GLY A 102 -33.89 6.09 -3.57
N VAL A 103 -32.77 6.26 -4.26
CA VAL A 103 -31.47 6.50 -3.61
C VAL A 103 -31.56 7.81 -2.79
N LEU A 104 -32.09 8.86 -3.42
CA LEU A 104 -32.19 10.16 -2.74
C LEU A 104 -33.14 10.13 -1.55
N ARG A 105 -34.22 9.35 -1.66
N ARG A 105 -34.21 9.34 -1.64
CA ARG A 105 -35.14 9.12 -0.54
CA ARG A 105 -35.15 9.14 -0.54
C ARG A 105 -34.41 8.52 0.67
C ARG A 105 -34.46 8.49 0.68
N ILE A 106 -33.74 7.39 0.44
CA ILE A 106 -32.95 6.70 1.46
C ILE A 106 -31.88 7.65 2.07
N ALA A 107 -31.23 8.45 1.22
CA ALA A 107 -30.23 9.43 1.67
C ALA A 107 -30.81 10.38 2.72
N ARG A 108 -31.99 10.94 2.45
N ARG A 108 -32.00 10.92 2.47
CA ARG A 108 -32.70 11.78 3.42
CA ARG A 108 -32.67 11.79 3.45
C ARG A 108 -32.92 11.00 4.72
C ARG A 108 -33.07 11.05 4.73
N GLU A 109 -33.43 9.77 4.59
CA GLU A 109 -33.72 8.91 5.73
C GLU A 109 -32.52 8.73 6.66
N VAL A 110 -31.32 8.62 6.09
CA VAL A 110 -30.10 8.45 6.89
C VAL A 110 -29.45 9.79 7.28
N GLY A 111 -30.07 10.89 6.90
CA GLY A 111 -29.65 12.20 7.36
C GLY A 111 -28.61 12.89 6.51
N LEU A 112 -28.44 12.44 5.27
CA LEU A 112 -27.56 13.11 4.33
C LEU A 112 -28.16 14.39 3.78
N ASP A 113 -27.30 15.39 3.59
CA ASP A 113 -27.62 16.61 2.85
C ASP A 113 -27.54 16.23 1.38
N THR A 114 -28.68 16.16 0.68
CA THR A 114 -28.67 15.57 -0.68
C THR A 114 -28.10 16.53 -1.75
N GLU A 115 -28.13 17.83 -1.46
N GLU A 115 -28.17 17.84 -1.47
CA GLU A 115 -27.54 18.82 -2.36
CA GLU A 115 -27.53 18.82 -2.35
C GLU A 115 -26.00 18.69 -2.34
C GLU A 115 -26.02 18.55 -2.35
N GLN A 116 -25.43 18.53 -1.16
CA GLN A 116 -24.00 18.25 -1.03
C GLN A 116 -23.66 16.87 -1.61
N LEU A 117 -24.47 15.86 -1.27
CA LEU A 117 -24.27 14.51 -1.79
C LEU A 117 -24.17 14.53 -3.31
N GLN A 118 -25.09 15.23 -3.97
CA GLN A 118 -25.10 15.25 -5.43
C GLN A 118 -23.90 16.01 -6.03
N ARG A 119 -23.39 17.03 -5.33
CA ARG A 119 -22.14 17.71 -5.72
CA ARG A 119 -22.15 17.69 -5.75
C ARG A 119 -20.99 16.70 -5.62
N ASP A 120 -20.92 16.02 -4.47
CA ASP A 120 -19.83 15.09 -4.18
C ASP A 120 -19.85 13.86 -5.09
N MSE A 121 -21.02 13.51 -5.63
CA MSE A 121 -21.10 12.40 -6.57
C MSE A 121 -20.25 12.58 -7.84
O MSE A 121 -19.88 11.58 -8.46
CB MSE A 121 -22.56 12.09 -6.96
CG MSE A 121 -23.29 11.34 -5.86
SE MSE A 121 -25.22 11.34 -6.21
CE MSE A 121 -25.24 10.13 -7.80
N GLU A 122 -19.96 13.82 -8.19
N GLU A 122 -19.94 13.83 -8.17
CA GLU A 122 -19.17 14.13 -9.39
CA GLU A 122 -19.17 14.21 -9.35
C GLU A 122 -17.66 14.00 -9.18
C GLU A 122 -17.65 14.18 -9.13
N ALA A 123 -17.23 13.89 -7.91
CA ALA A 123 -15.79 13.92 -7.55
C ALA A 123 -15.02 12.87 -8.36
N PRO A 124 -13.83 13.23 -8.86
CA PRO A 124 -13.07 12.21 -9.59
C PRO A 124 -12.65 10.99 -8.73
N GLU A 125 -12.53 11.12 -7.41
CA GLU A 125 -12.24 9.92 -6.58
C GLU A 125 -13.38 8.88 -6.67
N VAL A 126 -14.62 9.33 -6.92
CA VAL A 126 -15.76 8.42 -7.02
C VAL A 126 -15.61 7.58 -8.31
N THR A 127 -15.38 8.29 -9.41
CA THR A 127 -15.07 7.65 -10.69
C THR A 127 -13.88 6.69 -10.58
N ALA A 128 -12.80 7.14 -9.91
CA ALA A 128 -11.60 6.33 -9.73
C ALA A 128 -11.92 5.03 -8.99
N HIS A 129 -12.74 5.09 -7.95
CA HIS A 129 -13.11 3.85 -7.21
C HIS A 129 -13.83 2.87 -8.14
N ILE A 130 -14.86 3.36 -8.83
CA ILE A 130 -15.67 2.44 -9.64
C ILE A 130 -14.85 1.84 -10.78
N ALA A 131 -13.98 2.64 -11.40
CA ALA A 131 -13.12 2.13 -12.46
C ALA A 131 -12.19 1.05 -11.94
N GLN A 132 -11.65 1.26 -10.73
CA GLN A 132 -10.78 0.24 -10.14
C GLN A 132 -11.55 -1.02 -9.75
N SER A 133 -12.80 -0.87 -9.30
CA SER A 133 -13.62 -2.07 -9.03
C SER A 133 -13.76 -2.89 -10.30
N MSE A 134 -14.05 -2.23 -11.42
CA MSE A 134 -14.15 -2.95 -12.71
C MSE A 134 -12.85 -3.69 -13.04
O MSE A 134 -12.87 -4.83 -13.49
CB MSE A 134 -14.55 -2.02 -13.87
CG MSE A 134 -15.84 -1.32 -13.53
SE MSE A 134 -16.34 0.15 -14.70
CE MSE A 134 -18.21 0.12 -14.05
N ALA A 135 -11.71 -3.01 -12.84
CA ALA A 135 -10.43 -3.60 -13.17
C ALA A 135 -10.13 -4.79 -12.26
N LEU A 136 -10.39 -4.63 -10.96
CA LEU A 136 -10.10 -5.73 -10.02
C LEU A 136 -11.01 -6.93 -10.34
N ALA A 137 -12.28 -6.65 -10.64
CA ALA A 137 -13.22 -7.73 -10.96
C ALA A 137 -12.69 -8.52 -12.16
N GLN A 138 -12.17 -7.81 -13.18
CA GLN A 138 -11.69 -8.52 -14.37
C GLN A 138 -10.47 -9.36 -14.00
N LYS A 139 -9.59 -8.80 -13.16
CA LYS A 139 -8.35 -9.48 -12.80
C LYS A 139 -8.66 -10.81 -12.08
N LEU A 140 -9.69 -10.77 -11.24
CA LEU A 140 -10.05 -11.91 -10.34
C LEU A 140 -10.98 -12.92 -11.03
N GLY A 141 -11.44 -12.59 -12.25
CA GLY A 141 -12.35 -13.46 -13.01
C GLY A 141 -13.80 -13.38 -12.53
N PHE A 142 -14.20 -12.29 -11.88
CA PHE A 142 -15.58 -12.17 -11.41
C PHE A 142 -16.48 -11.73 -12.56
N ASN A 143 -17.57 -12.46 -12.74
CA ASN A 143 -18.45 -12.21 -13.89
C ASN A 143 -19.67 -11.41 -13.46
N GLY A 144 -19.91 -11.30 -12.15
CA GLY A 144 -21.04 -10.51 -11.66
C GLY A 144 -21.01 -10.45 -10.14
N THR A 145 -22.09 -9.96 -9.57
CA THR A 145 -22.14 -9.70 -8.12
C THR A 145 -23.21 -10.60 -7.47
N PRO A 146 -23.06 -10.96 -6.17
CA PRO A 146 -21.91 -10.65 -5.30
C PRO A 146 -20.72 -11.56 -5.60
N SER A 147 -19.51 -11.03 -5.48
CA SER A 147 -18.30 -11.88 -5.44
C SER A 147 -17.43 -11.46 -4.26
N PHE A 148 -16.76 -12.43 -3.66
CA PHE A 148 -15.97 -12.18 -2.45
C PHE A 148 -14.52 -12.63 -2.61
N VAL A 149 -13.65 -11.97 -1.86
CA VAL A 149 -12.28 -12.45 -1.64
C VAL A 149 -12.20 -12.65 -0.14
N VAL A 150 -11.64 -13.77 0.30
CA VAL A 150 -11.40 -14.00 1.72
C VAL A 150 -9.92 -14.34 1.84
N GLU A 151 -9.12 -13.33 2.19
CA GLU A 151 -7.64 -13.44 2.22
C GLU A 151 -7.17 -13.94 0.85
N ASP A 152 -6.56 -15.14 0.81
CA ASP A 152 -6.01 -15.63 -0.46
C ASP A 152 -7.03 -16.34 -1.33
N ALA A 153 -8.22 -16.57 -0.79
CA ALA A 153 -9.25 -17.36 -1.48
C ALA A 153 -10.21 -16.46 -2.27
N LEU A 154 -10.58 -16.94 -3.45
CA LEU A 154 -11.64 -16.29 -4.23
C LEU A 154 -12.93 -17.07 -4.08
N VAL A 155 -13.99 -16.35 -3.75
CA VAL A 155 -15.32 -16.95 -3.49
C VAL A 155 -16.34 -16.19 -4.38
N PRO A 156 -16.36 -16.51 -5.66
CA PRO A 156 -17.12 -15.68 -6.63
C PRO A 156 -18.60 -16.08 -6.67
N GLY A 157 -19.32 -15.76 -5.60
CA GLY A 157 -20.76 -16.03 -5.62
C GLY A 157 -21.39 -15.71 -4.29
N PHE A 158 -22.72 -15.89 -4.24
CA PHE A 158 -23.43 -15.75 -2.98
C PHE A 158 -22.97 -16.83 -2.00
N VAL A 159 -22.78 -16.45 -0.73
CA VAL A 159 -22.50 -17.41 0.34
C VAL A 159 -23.25 -17.02 1.61
N GLU A 160 -23.63 -18.04 2.39
N GLU A 160 -23.65 -18.02 2.40
CA GLU A 160 -24.25 -17.86 3.71
CA GLU A 160 -24.31 -17.78 3.68
C GLU A 160 -23.20 -17.35 4.70
C GLU A 160 -23.26 -17.52 4.76
N GLN A 161 -23.67 -16.90 5.85
CA GLN A 161 -22.74 -16.54 6.93
C GLN A 161 -21.85 -17.70 7.37
N SER A 162 -22.42 -18.88 7.53
CA SER A 162 -21.61 -20.04 7.94
C SER A 162 -20.51 -20.35 6.92
N GLN A 163 -20.77 -20.09 5.63
CA GLN A 163 -19.76 -20.35 4.61
C GLN A 163 -18.67 -19.29 4.61
N LEU A 164 -19.08 -18.05 4.84
CA LEU A 164 -18.11 -16.98 5.04
C LEU A 164 -17.22 -17.30 6.27
N GLN A 165 -17.86 -17.72 7.36
CA GLN A 165 -17.10 -18.02 8.58
C GLN A 165 -16.13 -19.17 8.35
N ASP A 166 -16.56 -20.19 7.63
N ASP A 166 -16.58 -20.20 7.63
CA ASP A 166 -15.66 -21.31 7.31
CA ASP A 166 -15.71 -21.31 7.25
C ASP A 166 -14.45 -20.81 6.52
C ASP A 166 -14.47 -20.79 6.53
N ALA A 167 -14.67 -19.90 5.56
CA ALA A 167 -13.59 -19.37 4.73
C ALA A 167 -12.63 -18.55 5.60
N VAL A 168 -13.20 -17.77 6.51
CA VAL A 168 -12.40 -16.98 7.44
C VAL A 168 -11.57 -17.93 8.32
N ASP A 169 -12.22 -18.93 8.90
CA ASP A 169 -11.50 -19.87 9.79
C ASP A 169 -10.36 -20.58 9.05
N ARG A 170 -10.62 -20.96 7.80
CA ARG A 170 -9.60 -21.66 6.99
C ARG A 170 -8.39 -20.76 6.72
N ALA A 171 -8.68 -19.48 6.45
CA ALA A 171 -7.64 -18.49 6.20
C ALA A 171 -6.74 -18.36 7.42
N ARG A 172 -7.35 -18.38 8.61
CA ARG A 172 -6.56 -18.26 9.84
C ARG A 172 -5.71 -19.49 10.05
N LYS A 173 -6.29 -20.66 9.76
CA LYS A 173 -5.54 -21.91 9.90
C LYS A 173 -4.33 -21.92 8.97
N ALA A 174 -4.50 -21.37 7.78
CA ALA A 174 -3.47 -21.38 6.73
C ALA A 174 -2.39 -20.33 6.89
N ALA A 175 -2.64 -19.32 7.74
CA ALA A 175 -1.77 -18.15 7.83
C ALA A 175 -0.43 -18.49 8.48
N ALA B 3 -4.50 6.91 3.05
CA ALA B 3 -3.05 6.66 3.14
C ALA B 3 -2.48 7.22 1.88
N ASN B 4 -2.26 8.54 1.85
CA ASN B 4 -1.97 9.08 0.56
C ASN B 4 -0.52 9.03 0.15
N ARG B 5 0.40 8.74 1.09
CA ARG B 5 1.72 8.32 0.65
C ARG B 5 1.60 7.00 -0.13
N ASP B 6 0.81 6.07 0.39
CA ASP B 6 0.51 4.82 -0.28
C ASP B 6 -0.10 5.03 -1.67
N SER B 7 -1.08 5.95 -1.77
N SER B 7 -1.06 5.95 -1.77
CA SER B 7 -1.69 6.25 -3.07
CA SER B 7 -1.68 6.24 -3.07
C SER B 7 -0.71 6.84 -4.06
C SER B 7 -0.71 6.84 -4.07
N LEU B 8 0.23 7.64 -3.56
CA LEU B 8 1.17 8.33 -4.45
C LEU B 8 2.34 7.45 -4.82
N PHE B 9 2.86 6.73 -3.84
CA PHE B 9 4.15 6.09 -4.05
C PHE B 9 4.09 4.59 -4.19
N ASN B 10 2.99 3.96 -3.74
CA ASN B 10 2.92 2.49 -3.74
C ASN B 10 1.76 1.89 -4.54
N ASP B 11 1.36 2.58 -5.59
CA ASP B 11 0.29 2.08 -6.46
C ASP B 11 0.87 1.10 -7.50
N PRO B 12 0.46 -0.18 -7.45
CA PRO B 12 1.05 -1.15 -8.41
C PRO B 12 0.68 -0.87 -9.86
N ASN B 13 -0.34 -0.04 -10.07
CA ASN B 13 -0.80 0.28 -11.43
C ASN B 13 -0.15 1.57 -11.96
N ALA B 14 0.84 2.10 -11.23
CA ALA B 14 1.59 3.27 -11.71
C ALA B 14 3.02 2.82 -12.05
N PRO B 15 3.48 3.08 -13.29
CA PRO B 15 4.86 2.65 -13.61
C PRO B 15 5.94 3.22 -12.69
N VAL B 16 6.96 2.42 -12.44
CA VAL B 16 8.08 2.85 -11.65
C VAL B 16 9.33 2.78 -12.52
N LEU B 17 10.05 3.90 -12.59
N LEU B 17 10.04 3.91 -12.57
CA LEU B 17 11.36 3.93 -13.22
CA LEU B 17 11.33 4.02 -13.23
C LEU B 17 12.41 4.34 -12.20
C LEU B 17 12.41 4.35 -12.20
N GLY B 18 13.66 4.42 -12.67
CA GLY B 18 14.78 4.78 -11.78
C GLY B 18 15.04 3.61 -10.86
N ASN B 19 15.37 3.89 -9.61
CA ASN B 19 15.75 2.82 -8.68
C ASN B 19 14.47 2.45 -7.93
N PRO B 20 13.93 1.23 -8.10
CA PRO B 20 12.66 0.89 -7.42
C PRO B 20 12.75 0.97 -5.89
N GLU B 21 13.96 0.91 -5.32
CA GLU B 21 14.14 1.11 -3.87
C GLU B 21 14.85 2.42 -3.48
N GLY B 22 14.85 3.41 -4.36
CA GLY B 22 15.47 4.70 -4.07
C GLY B 22 14.81 5.33 -2.87
N ASP B 23 15.53 6.16 -2.13
CA ASP B 23 15.00 6.70 -0.86
C ASP B 23 14.17 7.97 -1.04
N VAL B 24 14.14 8.50 -2.26
CA VAL B 24 13.27 9.64 -2.62
C VAL B 24 12.44 9.25 -3.83
N THR B 25 11.11 9.44 -3.73
CA THR B 25 10.23 9.21 -4.90
C THR B 25 9.84 10.52 -5.52
N VAL B 26 10.04 10.60 -6.83
CA VAL B 26 9.54 11.74 -7.63
C VAL B 26 8.36 11.23 -8.43
N VAL B 27 7.22 11.92 -8.33
CA VAL B 27 6.07 11.53 -9.16
C VAL B 27 5.91 12.59 -10.22
N GLU B 28 5.72 12.20 -11.48
CA GLU B 28 5.43 13.18 -12.54
C GLU B 28 4.05 12.88 -13.14
N PHE B 29 3.25 13.93 -13.28
CA PHE B 29 1.98 13.88 -14.00
C PHE B 29 2.21 14.55 -15.34
N PHE B 30 1.86 13.87 -16.44
CA PHE B 30 2.23 14.36 -17.75
C PHE B 30 1.23 13.94 -18.85
N ASP B 31 1.35 14.62 -19.98
CA ASP B 31 0.51 14.42 -21.19
C ASP B 31 1.49 14.48 -22.37
N TYR B 32 1.39 13.54 -23.31
CA TYR B 32 2.35 13.44 -24.39
C TYR B 32 2.30 14.60 -25.40
N ASN B 33 1.26 15.45 -25.33
CA ASN B 33 1.18 16.62 -26.20
C ASN B 33 1.46 17.93 -25.50
N CYS B 34 1.89 17.85 -24.25
CA CYS B 34 2.19 19.03 -23.46
C CYS B 34 3.63 19.48 -23.74
N PRO B 35 3.83 20.70 -24.27
CA PRO B 35 5.15 21.22 -24.65
C PRO B 35 6.10 21.24 -23.44
N TYR B 36 5.62 21.64 -22.28
CA TYR B 36 6.53 21.61 -21.13
C TYR B 36 6.87 20.18 -20.63
N CYS B 37 5.97 19.22 -20.80
CA CYS B 37 6.28 17.80 -20.52
C CYS B 37 7.38 17.31 -21.44
N ARG B 38 7.27 17.66 -22.72
CA ARG B 38 8.29 17.26 -23.67
C ARG B 38 9.66 17.87 -23.30
N ARG B 39 9.63 19.13 -22.84
CA ARG B 39 10.83 19.80 -22.35
C ARG B 39 11.36 19.14 -21.07
N ALA B 40 10.46 18.71 -20.19
CA ALA B 40 10.84 18.13 -18.91
C ALA B 40 11.54 16.78 -19.08
N MSE B 41 11.29 16.10 -20.19
CA MSE B 41 11.83 14.73 -20.39
C MSE B 41 13.34 14.66 -20.19
O MSE B 41 13.81 13.80 -19.42
CB MSE B 41 11.43 14.16 -21.75
CG MSE B 41 12.06 12.81 -22.02
SE MSE B 41 11.87 12.25 -23.85
CE MSE B 41 13.28 13.27 -24.64
N ALA B 42 14.09 15.55 -20.85
CA ALA B 42 15.54 15.60 -20.69
C ALA B 42 15.96 15.87 -19.24
N GLU B 43 15.18 16.69 -18.53
CA GLU B 43 15.49 17.10 -17.16
C GLU B 43 15.31 15.91 -16.21
N VAL B 44 14.23 15.17 -16.42
CA VAL B 44 13.92 13.99 -15.60
C VAL B 44 14.91 12.87 -15.91
N GLN B 45 15.19 12.63 -17.20
CA GLN B 45 16.25 11.66 -17.57
C GLN B 45 17.58 12.02 -16.95
N GLY B 46 17.89 13.31 -16.95
CA GLY B 46 19.15 13.80 -16.38
C GLY B 46 19.23 13.51 -14.89
N LEU B 47 18.13 13.76 -14.19
CA LEU B 47 18.04 13.50 -12.75
C LEU B 47 18.34 12.04 -12.45
N VAL B 48 17.65 11.15 -13.17
N VAL B 48 17.62 11.11 -13.08
CA VAL B 48 17.80 9.70 -13.05
CA VAL B 48 17.82 9.69 -12.72
C VAL B 48 19.20 9.20 -13.41
C VAL B 48 19.18 9.16 -13.16
N ASP B 49 19.86 9.86 -14.36
N ASP B 49 19.75 9.73 -14.23
CA ASP B 49 21.24 9.51 -14.72
CA ASP B 49 21.13 9.38 -14.58
C ASP B 49 22.25 9.97 -13.68
C ASP B 49 22.12 9.84 -13.51
N ALA B 50 21.92 11.04 -12.98
CA ALA B 50 22.84 11.66 -12.05
C ALA B 50 22.68 11.10 -10.63
N ASP B 51 21.48 10.67 -10.31
CA ASP B 51 21.13 10.23 -8.97
C ASP B 51 20.50 8.83 -9.00
N PRO B 52 21.33 7.81 -8.66
CA PRO B 52 20.87 6.43 -8.75
C PRO B 52 20.01 6.00 -7.56
N ASN B 53 19.68 6.96 -6.68
CA ASN B 53 18.86 6.65 -5.51
C ASN B 53 17.50 7.36 -5.57
N VAL B 54 17.04 7.69 -6.79
CA VAL B 54 15.74 8.33 -7.01
C VAL B 54 14.83 7.32 -7.67
N ARG B 55 13.66 7.15 -7.10
CA ARG B 55 12.60 6.34 -7.64
C ARG B 55 11.64 7.29 -8.38
N LEU B 56 11.26 6.92 -9.60
N LEU B 56 11.19 6.90 -9.57
CA LEU B 56 10.33 7.70 -10.39
CA LEU B 56 10.36 7.77 -10.39
C LEU B 56 9.02 6.97 -10.39
C LEU B 56 9.03 7.10 -10.70
N VAL B 57 7.93 7.72 -10.28
CA VAL B 57 6.59 7.14 -10.41
C VAL B 57 5.85 7.97 -11.44
N TYR B 58 5.23 7.31 -12.42
CA TYR B 58 4.52 8.05 -13.47
C TYR B 58 3.00 8.02 -13.32
N ARG B 59 2.37 9.20 -13.43
CA ARG B 59 0.92 9.31 -13.59
C ARG B 59 0.62 9.83 -14.98
N GLU B 60 0.06 8.97 -15.80
CA GLU B 60 -0.43 9.37 -17.12
C GLU B 60 -1.68 10.18 -16.86
N TRP B 61 -1.64 11.44 -17.25
CA TRP B 61 -2.77 12.35 -17.02
C TRP B 61 -3.12 13.06 -18.33
N PRO B 62 -3.79 12.32 -19.24
CA PRO B 62 -4.12 12.91 -20.53
C PRO B 62 -5.24 13.98 -20.41
N ILE B 63 -4.90 15.22 -20.73
CA ILE B 63 -5.82 16.34 -20.53
C ILE B 63 -5.93 17.24 -21.74
N LEU B 64 -5.15 16.97 -22.79
CA LEU B 64 -5.09 17.85 -23.94
C LEU B 64 -5.76 17.24 -25.16
N GLY B 65 -6.64 16.27 -24.93
CA GLY B 65 -7.61 15.90 -25.95
C GLY B 65 -7.54 14.45 -26.39
N GLU B 66 -8.12 14.17 -27.54
CA GLU B 66 -8.29 12.75 -27.93
C GLU B 66 -6.95 12.07 -28.29
N GLY B 67 -6.04 12.81 -28.94
CA GLY B 67 -4.70 12.28 -29.28
C GLY B 67 -3.94 11.95 -28.00
N SER B 68 -3.97 12.88 -27.05
CA SER B 68 -3.36 12.64 -25.74
C SER B 68 -3.91 11.41 -25.02
N ASP B 69 -5.22 11.24 -25.09
N ASP B 69 -5.23 11.26 -25.08
CA ASP B 69 -5.84 10.08 -24.47
CA ASP B 69 -5.92 10.10 -24.53
C ASP B 69 -5.40 8.78 -25.16
C ASP B 69 -5.38 8.80 -25.16
N PHE B 70 -5.33 8.78 -26.49
CA PHE B 70 -4.85 7.61 -27.25
C PHE B 70 -3.42 7.26 -26.80
N ALA B 71 -2.57 8.29 -26.74
CA ALA B 71 -1.18 8.11 -26.32
C ALA B 71 -1.04 7.54 -24.91
N ALA B 72 -1.79 8.09 -23.96
CA ALA B 72 -1.77 7.57 -22.59
C ALA B 72 -2.23 6.12 -22.54
N ARG B 73 -3.32 5.78 -23.25
N ARG B 73 -3.32 5.78 -23.25
CA ARG B 73 -3.81 4.40 -23.24
CA ARG B 73 -3.81 4.40 -23.23
C ARG B 73 -2.79 3.46 -23.87
C ARG B 73 -2.80 3.45 -23.87
N ALA B 74 -2.20 3.91 -24.97
CA ALA B 74 -1.21 3.12 -25.70
C ALA B 74 0.01 2.87 -24.82
N ALA B 75 0.49 3.93 -24.17
CA ALA B 75 1.65 3.79 -23.28
C ALA B 75 1.36 2.78 -22.17
N LEU B 76 0.23 2.93 -21.50
CA LEU B 76 -0.11 1.98 -20.43
C LEU B 76 -0.26 0.55 -20.96
N ALA B 77 -0.87 0.40 -22.14
CA ALA B 77 -0.97 -0.93 -22.77
C ALA B 77 0.40 -1.54 -23.08
N ALA B 78 1.41 -0.71 -23.35
CA ALA B 78 2.74 -1.22 -23.66
C ALA B 78 3.37 -1.97 -22.48
N ARG B 79 2.90 -1.71 -21.27
CA ARG B 79 3.39 -2.50 -20.13
C ARG B 79 3.20 -4.02 -20.36
N GLN B 80 2.15 -4.39 -21.10
CA GLN B 80 1.86 -5.81 -21.35
C GLN B 80 2.89 -6.43 -22.27
N GLN B 81 3.68 -5.60 -22.93
CA GLN B 81 4.72 -6.09 -23.85
C GLN B 81 6.10 -5.77 -23.33
N GLY B 82 6.15 -5.27 -22.09
CA GLY B 82 7.40 -5.05 -21.40
C GLY B 82 8.17 -3.89 -21.98
N LYS B 83 7.46 -2.93 -22.61
CA LYS B 83 8.14 -1.86 -23.31
C LYS B 83 7.63 -0.47 -22.89
N TYR B 84 7.06 -0.36 -21.69
CA TYR B 84 6.57 0.95 -21.20
C TYR B 84 7.64 2.04 -21.28
N GLU B 85 8.80 1.81 -20.69
CA GLU B 85 9.80 2.86 -20.58
C GLU B 85 10.29 3.36 -21.96
N ALA B 86 10.66 2.41 -22.83
CA ALA B 86 11.16 2.74 -24.17
C ALA B 86 10.09 3.51 -24.95
N PHE B 87 8.83 3.07 -24.85
CA PHE B 87 7.72 3.72 -25.55
C PHE B 87 7.51 5.13 -25.01
N HIS B 88 7.49 5.27 -23.67
CA HIS B 88 7.35 6.57 -23.05
C HIS B 88 8.38 7.57 -23.55
N TRP B 89 9.66 7.21 -23.47
CA TRP B 89 10.72 8.08 -23.97
C TRP B 89 10.55 8.42 -25.45
N ALA B 90 10.15 7.45 -26.26
CA ALA B 90 10.04 7.65 -27.72
C ALA B 90 8.88 8.59 -28.06
N LEU B 91 7.75 8.41 -27.36
CA LEU B 91 6.59 9.31 -27.48
C LEU B 91 6.93 10.70 -27.04
N MSE B 92 7.50 10.82 -25.84
CA MSE B 92 7.81 12.14 -25.29
C MSE B 92 8.88 12.87 -26.11
O MSE B 92 8.92 14.10 -26.11
CB MSE B 92 8.13 12.00 -23.79
CG MSE B 92 8.00 13.24 -22.99
SE MSE B 92 6.22 14.03 -23.05
CE MSE B 92 5.31 13.12 -21.63
N GLY B 93 9.71 12.12 -26.83
CA GLY B 93 10.72 12.72 -27.71
C GLY B 93 10.38 12.87 -29.19
N MSE B 94 9.13 12.57 -29.55
CA MSE B 94 8.73 12.53 -30.97
C MSE B 94 8.56 13.94 -31.54
O MSE B 94 8.43 14.91 -30.78
CB MSE B 94 7.42 11.78 -31.13
CG MSE B 94 6.20 12.59 -30.77
SE MSE B 94 4.66 11.45 -30.65
CE MSE B 94 4.42 11.07 -32.52
N SER B 95 8.50 14.03 -32.87
CA SER B 95 8.36 15.32 -33.56
C SER B 95 6.92 15.81 -33.71
N GLY B 96 6.02 14.99 -34.21
CA GLY B 96 4.67 15.52 -34.43
C GLY B 96 3.75 15.51 -33.22
N LYS B 97 2.47 15.69 -33.50
CA LYS B 97 1.42 15.44 -32.52
C LYS B 97 1.33 13.97 -32.15
N ALA B 98 1.15 13.73 -30.85
CA ALA B 98 0.77 12.43 -30.38
C ALA B 98 -0.73 12.23 -30.66
N ASN B 99 -1.02 11.64 -31.81
CA ASN B 99 -2.37 11.27 -32.18
C ASN B 99 -2.36 9.79 -32.62
N GLU B 100 -3.51 9.26 -33.03
CA GLU B 100 -3.60 7.83 -33.35
C GLU B 100 -2.50 7.38 -34.33
N THR B 101 -2.32 8.12 -35.42
N THR B 101 -2.35 8.12 -35.43
CA THR B 101 -1.35 7.73 -36.45
CA THR B 101 -1.36 7.81 -36.47
C THR B 101 0.11 7.89 -36.00
C THR B 101 0.07 7.85 -35.90
N GLY B 102 0.41 8.94 -35.24
CA GLY B 102 1.76 9.19 -34.75
C GLY B 102 2.15 8.22 -33.63
N VAL B 103 1.22 7.95 -32.74
CA VAL B 103 1.44 7.01 -31.61
C VAL B 103 1.73 5.61 -32.17
N LEU B 104 0.90 5.17 -33.12
CA LEU B 104 1.09 3.85 -33.70
C LEU B 104 2.38 3.74 -34.50
N ARG B 105 2.77 4.84 -35.16
CA ARG B 105 4.05 4.87 -35.86
C ARG B 105 5.22 4.69 -34.86
N ILE B 106 5.19 5.44 -33.77
CA ILE B 106 6.20 5.34 -32.72
C ILE B 106 6.18 3.92 -32.09
N ALA B 107 4.99 3.35 -31.90
CA ALA B 107 4.86 2.00 -31.34
C ALA B 107 5.62 0.96 -32.18
N ARG B 108 5.48 1.05 -33.50
CA ARG B 108 6.21 0.18 -34.42
C ARG B 108 7.71 0.40 -34.32
N GLU B 109 8.13 1.66 -34.21
CA GLU B 109 9.55 2.00 -34.04
C GLU B 109 10.19 1.35 -32.81
N VAL B 110 9.44 1.26 -31.71
CA VAL B 110 9.96 0.64 -30.48
C VAL B 110 9.71 -0.87 -30.42
N GLY B 111 9.15 -1.42 -31.49
CA GLY B 111 9.00 -2.85 -31.65
C GLY B 111 7.76 -3.46 -31.01
N LEU B 112 6.74 -2.65 -30.76
CA LEU B 112 5.46 -3.13 -30.25
C LEU B 112 4.62 -3.78 -31.35
N ASP B 113 3.90 -4.84 -30.97
CA ASP B 113 2.88 -5.44 -31.80
C ASP B 113 1.67 -4.55 -31.66
N THR B 114 1.33 -3.81 -32.72
CA THR B 114 0.30 -2.76 -32.58
C THR B 114 -1.13 -3.29 -32.51
N GLU B 115 -1.35 -4.50 -33.04
N GLU B 115 -1.37 -4.49 -33.04
CA GLU B 115 -2.65 -5.17 -32.96
CA GLU B 115 -2.67 -5.14 -32.93
C GLU B 115 -2.93 -5.58 -31.51
C GLU B 115 -2.91 -5.50 -31.47
N GLN B 116 -1.94 -6.18 -30.86
CA GLN B 116 -2.01 -6.50 -29.44
C GLN B 116 -2.15 -5.24 -28.58
N LEU B 117 -1.29 -4.25 -28.87
CA LEU B 117 -1.35 -2.95 -28.20
C LEU B 117 -2.76 -2.39 -28.20
N GLN B 118 -3.39 -2.37 -29.37
CA GLN B 118 -4.73 -1.77 -29.49
C GLN B 118 -5.82 -2.57 -28.76
N ARG B 119 -5.66 -3.89 -28.66
CA ARG B 119 -6.56 -4.72 -27.86
C ARG B 119 -6.33 -4.36 -26.39
N ASP B 120 -5.05 -4.28 -25.99
CA ASP B 120 -4.70 -4.01 -24.59
C ASP B 120 -5.07 -2.58 -24.15
N MSE B 121 -5.21 -1.67 -25.10
CA MSE B 121 -5.64 -0.32 -24.78
C MSE B 121 -7.05 -0.24 -24.16
O MSE B 121 -7.35 0.72 -23.46
CB MSE B 121 -5.55 0.59 -26.02
CG MSE B 121 -4.16 1.07 -26.26
SE MSE B 121 -4.03 1.88 -28.04
CE MSE B 121 -5.00 3.56 -27.64
N GLU B 122 -7.86 -1.28 -24.40
N GLU B 122 -7.89 -1.25 -24.39
CA GLU B 122 -9.25 -1.38 -23.93
CA GLU B 122 -9.25 -1.22 -23.84
C GLU B 122 -9.36 -1.80 -22.46
C GLU B 122 -9.39 -1.94 -22.50
N ALA B 123 -8.25 -2.32 -21.91
CA ALA B 123 -8.27 -3.05 -20.64
C ALA B 123 -8.78 -2.12 -19.53
N PRO B 124 -9.62 -2.66 -18.63
CA PRO B 124 -10.08 -1.77 -17.55
C PRO B 124 -8.97 -1.21 -16.64
N GLU B 125 -7.82 -1.90 -16.49
N GLU B 125 -7.85 -1.92 -16.50
CA GLU B 125 -6.76 -1.30 -15.66
CA GLU B 125 -6.73 -1.39 -15.71
C GLU B 125 -6.17 -0.03 -16.29
C GLU B 125 -6.20 -0.07 -16.28
N VAL B 126 -6.30 0.11 -17.61
CA VAL B 126 -5.85 1.31 -18.29
C VAL B 126 -6.76 2.49 -17.90
N THR B 127 -8.06 2.24 -17.99
CA THR B 127 -9.04 3.25 -17.57
C THR B 127 -8.87 3.59 -16.07
N ALA B 128 -8.63 2.57 -15.24
CA ALA B 128 -8.47 2.76 -13.80
C ALA B 128 -7.26 3.65 -13.51
N HIS B 129 -6.16 3.45 -14.23
CA HIS B 129 -4.98 4.31 -14.02
C HIS B 129 -5.33 5.75 -14.33
N ILE B 130 -5.89 5.96 -15.53
CA ILE B 130 -6.17 7.35 -15.93
C ILE B 130 -7.15 8.05 -14.97
N ALA B 131 -8.22 7.35 -14.55
CA ALA B 131 -9.16 7.92 -13.61
C ALA B 131 -8.50 8.30 -12.31
N GLN B 132 -7.56 7.46 -11.85
CA GLN B 132 -6.87 7.77 -10.59
C GLN B 132 -5.91 8.94 -10.77
N SER B 133 -5.29 9.09 -11.94
CA SER B 133 -4.39 10.25 -12.16
C SER B 133 -5.22 11.53 -12.03
N MSE B 134 -6.42 11.50 -12.60
CA MSE B 134 -7.35 12.66 -12.48
C MSE B 134 -7.69 12.95 -11.02
O MSE B 134 -7.65 14.12 -10.61
CB MSE B 134 -8.64 12.46 -13.32
CG MSE B 134 -8.29 12.28 -14.79
SE MSE B 134 -9.76 11.64 -15.88
CE MSE B 134 -8.88 11.81 -17.61
N ALA B 135 -8.00 11.91 -10.26
CA ALA B 135 -8.38 12.07 -8.85
C ALA B 135 -7.19 12.64 -8.05
N LEU B 136 -6.01 12.09 -8.29
CA LEU B 136 -4.82 12.51 -7.51
C LEU B 136 -4.48 13.96 -7.87
N ALA B 137 -4.56 14.28 -9.16
CA ALA B 137 -4.27 15.68 -9.58
C ALA B 137 -5.21 16.66 -8.84
N GLN B 138 -6.50 16.30 -8.76
CA GLN B 138 -7.45 17.17 -8.08
C GLN B 138 -7.09 17.30 -6.60
N LYS B 139 -6.74 16.17 -5.98
CA LYS B 139 -6.41 16.14 -4.54
C LYS B 139 -5.23 17.07 -4.25
N LEU B 140 -4.24 17.07 -5.14
CA LEU B 140 -2.97 17.78 -4.92
C LEU B 140 -3.01 19.24 -5.40
N GLY B 141 -4.12 19.61 -6.06
CA GLY B 141 -4.34 20.97 -6.57
C GLY B 141 -3.62 21.24 -7.90
N PHE B 142 -3.29 20.20 -8.65
CA PHE B 142 -2.61 20.38 -9.92
C PHE B 142 -3.60 20.80 -11.00
N ASN B 143 -3.29 21.89 -11.69
CA ASN B 143 -4.21 22.45 -12.70
C ASN B 143 -3.84 22.03 -14.11
N GLY B 144 -2.65 21.44 -14.27
CA GLY B 144 -2.20 21.03 -15.59
C GLY B 144 -0.87 20.33 -15.50
N THR B 145 -0.27 20.06 -16.65
CA THR B 145 0.96 19.26 -16.71
C THR B 145 2.08 20.15 -17.27
N PRO B 146 3.35 19.87 -16.94
CA PRO B 146 3.77 18.84 -15.98
C PRO B 146 3.59 19.31 -14.53
N SER B 147 3.27 18.38 -13.63
CA SER B 147 3.34 18.66 -12.17
C SER B 147 4.08 17.51 -11.48
N PHE B 148 4.79 17.82 -10.39
CA PHE B 148 5.62 16.84 -9.73
C PHE B 148 5.32 16.77 -8.25
N VAL B 149 5.59 15.59 -7.68
CA VAL B 149 5.68 15.45 -6.22
C VAL B 149 7.10 14.98 -5.97
N VAL B 150 7.76 15.55 -4.95
CA VAL B 150 9.08 15.07 -4.59
C VAL B 150 9.00 14.80 -3.10
N GLU B 151 8.83 13.52 -2.76
CA GLU B 151 8.56 13.07 -1.37
C GLU B 151 7.38 13.89 -0.81
N ASP B 152 7.61 14.65 0.24
CA ASP B 152 6.52 15.42 0.86
C ASP B 152 6.19 16.75 0.16
N ALA B 153 7.03 17.16 -0.79
CA ALA B 153 6.88 18.46 -1.44
C ALA B 153 6.05 18.36 -2.72
N LEU B 154 5.26 19.39 -2.96
CA LEU B 154 4.55 19.51 -4.23
C LEU B 154 5.23 20.58 -5.09
N VAL B 155 5.53 20.22 -6.34
CA VAL B 155 6.25 21.11 -7.26
C VAL B 155 5.39 21.16 -8.53
N PRO B 156 4.32 21.97 -8.50
CA PRO B 156 3.34 21.94 -9.60
C PRO B 156 3.74 22.80 -10.81
N GLY B 157 4.77 22.36 -11.53
CA GLY B 157 5.14 23.10 -12.74
C GLY B 157 6.38 22.51 -13.37
N PHE B 158 6.78 23.11 -14.49
CA PHE B 158 8.03 22.70 -15.12
C PHE B 158 9.20 23.05 -14.19
N VAL B 159 10.19 22.16 -14.12
CA VAL B 159 11.45 22.42 -13.40
C VAL B 159 12.64 21.83 -14.16
N GLU B 160 13.80 22.49 -14.05
N GLU B 160 13.79 22.48 -14.07
CA GLU B 160 15.07 21.99 -14.59
CA GLU B 160 15.01 21.96 -14.69
C GLU B 160 15.57 20.81 -13.78
C GLU B 160 15.66 20.92 -13.77
N GLN B 161 16.53 20.09 -14.32
CA GLN B 161 17.19 19.03 -13.56
C GLN B 161 17.80 19.53 -12.24
N SER B 162 18.50 20.66 -12.26
CA SER B 162 19.10 21.19 -11.03
C SER B 162 18.04 21.49 -9.96
N GLN B 163 16.84 21.91 -10.39
CA GLN B 163 15.77 22.19 -9.43
C GLN B 163 15.16 20.92 -8.88
N LEU B 164 15.02 19.90 -9.74
CA LEU B 164 14.61 18.57 -9.29
C LEU B 164 15.65 18.02 -8.30
N GLN B 165 16.93 18.15 -8.62
CA GLN B 165 17.98 17.64 -7.73
C GLN B 165 17.95 18.35 -6.37
N ASP B 166 17.77 19.68 -6.38
N ASP B 166 17.76 19.67 -6.39
CA ASP B 166 17.67 20.40 -5.12
CA ASP B 166 17.66 20.42 -5.15
C ASP B 166 16.51 19.86 -4.28
C ASP B 166 16.51 19.88 -4.29
N ALA B 167 15.36 19.65 -4.91
CA ALA B 167 14.18 19.14 -4.21
C ALA B 167 14.48 17.75 -3.62
N VAL B 168 15.17 16.91 -4.39
CA VAL B 168 15.56 15.59 -3.90
C VAL B 168 16.51 15.71 -2.70
N ASP B 169 17.53 16.56 -2.85
CA ASP B 169 18.52 16.74 -1.78
C ASP B 169 17.86 17.25 -0.48
N ARG B 170 16.92 18.17 -0.60
N ARG B 170 16.91 18.16 -0.64
CA ARG B 170 16.23 18.71 0.58
CA ARG B 170 16.16 18.74 0.48
C ARG B 170 15.32 17.67 1.22
C ARG B 170 15.36 17.67 1.20
N ALA B 171 14.70 16.81 0.41
CA ALA B 171 13.91 15.68 0.93
C ALA B 171 14.76 14.76 1.78
N ARG B 172 15.98 14.47 1.30
CA ARG B 172 16.89 13.62 2.08
C ARG B 172 17.34 14.29 3.36
N LYS B 173 17.59 15.59 3.28
CA LYS B 173 17.98 16.34 4.50
C LYS B 173 16.89 16.29 5.55
N ALA B 174 15.64 16.33 5.10
CA ALA B 174 14.45 16.40 5.95
C ALA B 174 14.03 15.07 6.55
N ALA B 175 14.41 13.98 5.91
CA ALA B 175 14.00 12.63 6.28
C ALA B 175 14.52 12.20 7.65
N ALA C 3 1.68 17.83 31.40
CA ALA C 3 2.32 19.12 31.05
C ALA C 3 3.19 18.98 29.79
N ASN C 4 4.51 18.82 29.97
CA ASN C 4 5.49 18.86 28.86
C ASN C 4 5.13 18.02 27.60
N ARG C 5 5.57 18.54 26.45
CA ARG C 5 5.22 17.96 25.15
C ARG C 5 5.73 16.53 25.02
N ASP C 6 6.91 16.29 25.58
CA ASP C 6 7.55 14.98 25.59
C ASP C 6 6.66 13.95 26.30
N SER C 7 6.08 14.35 27.44
CA SER C 7 5.22 13.46 28.20
C SER C 7 3.93 13.13 27.47
N LEU C 8 3.41 14.10 26.70
CA LEU C 8 2.13 13.91 26.02
C LEU C 8 2.25 13.21 24.69
N PHE C 9 3.27 13.58 23.94
CA PHE C 9 3.36 13.18 22.54
C PHE C 9 4.46 12.18 22.25
N ASN C 10 5.45 12.04 23.14
CA ASN C 10 6.63 11.23 22.84
C ASN C 10 6.93 10.15 23.88
N ASP C 11 5.90 9.62 24.51
CA ASP C 11 6.05 8.60 25.53
C ASP C 11 6.14 7.22 24.88
N PRO C 12 7.30 6.55 24.98
CA PRO C 12 7.45 5.25 24.32
C PRO C 12 6.51 4.17 24.86
N ASN C 13 5.99 4.38 26.08
CA ASN C 13 5.07 3.44 26.71
C ASN C 13 3.60 3.77 26.45
N ALA C 14 3.31 4.65 25.49
CA ALA C 14 1.92 4.91 25.07
C ALA C 14 1.75 4.54 23.60
N PRO C 15 0.73 3.75 23.29
CA PRO C 15 0.49 3.30 21.90
C PRO C 15 0.37 4.48 20.92
N VAL C 16 0.95 4.31 19.75
CA VAL C 16 0.82 5.29 18.69
C VAL C 16 0.04 4.63 17.56
N LEU C 17 -1.03 5.28 17.14
CA LEU C 17 -1.85 4.79 16.02
C LEU C 17 -2.00 5.94 15.00
N GLY C 18 -2.86 5.79 14.01
CA GLY C 18 -2.91 6.75 12.91
C GLY C 18 -1.58 6.79 12.17
N ASN C 19 -1.16 7.99 11.78
CA ASN C 19 0.12 8.11 11.09
C ASN C 19 1.20 8.38 12.14
N PRO C 20 2.12 7.41 12.37
CA PRO C 20 3.11 7.62 13.42
C PRO C 20 4.05 8.79 13.14
N GLU C 21 4.09 9.23 11.89
CA GLU C 21 4.87 10.39 11.45
C GLU C 21 4.01 11.61 11.19
N GLY C 22 2.75 11.58 11.63
CA GLY C 22 1.84 12.69 11.35
C GLY C 22 2.29 13.98 12.02
N ASP C 23 1.89 15.12 11.47
CA ASP C 23 2.33 16.39 12.00
C ASP C 23 1.47 16.95 13.13
N VAL C 24 0.31 16.36 13.38
CA VAL C 24 -0.53 16.77 14.50
C VAL C 24 -0.90 15.53 15.29
N THR C 25 -0.67 15.58 16.60
CA THR C 25 -1.00 14.46 17.49
C THR C 25 -2.31 14.70 18.22
N VAL C 26 -3.20 13.73 18.16
CA VAL C 26 -4.40 13.70 18.98
C VAL C 26 -4.19 12.66 20.05
N VAL C 27 -4.26 13.07 21.32
CA VAL C 27 -4.21 12.16 22.46
C VAL C 27 -5.64 11.85 22.92
N GLU C 28 -5.97 10.57 23.10
CA GLU C 28 -7.27 10.19 23.70
C GLU C 28 -7.08 9.41 24.98
N PHE C 29 -7.80 9.82 26.02
CA PHE C 29 -7.85 9.10 27.30
C PHE C 29 -9.18 8.36 27.30
N PHE C 30 -9.19 7.06 27.62
CA PHE C 30 -10.44 6.32 27.52
C PHE C 30 -10.48 5.14 28.49
N ASP C 31 -11.69 4.64 28.67
CA ASP C 31 -12.00 3.49 29.52
C ASP C 31 -12.95 2.58 28.72
N TYR C 32 -12.70 1.26 28.75
CA TYR C 32 -13.45 0.34 27.91
C TYR C 32 -14.89 0.14 28.34
N ASN C 33 -15.26 0.66 29.52
CA ASN C 33 -16.64 0.60 29.94
C ASN C 33 -17.37 1.93 29.82
N CYS C 34 -16.69 2.92 29.25
CA CYS C 34 -17.25 4.24 29.09
C CYS C 34 -18.16 4.30 27.84
N PRO C 35 -19.47 4.55 28.02
CA PRO C 35 -20.35 4.51 26.83
C PRO C 35 -19.95 5.52 25.73
N TYR C 36 -19.49 6.71 26.11
CA TYR C 36 -19.02 7.69 25.16
C TYR C 36 -17.65 7.38 24.50
N CYS C 37 -16.81 6.60 25.17
CA CYS C 37 -15.59 6.11 24.55
C CYS C 37 -15.95 5.11 23.44
N ARG C 38 -16.90 4.22 23.72
CA ARG C 38 -17.36 3.25 22.74
C ARG C 38 -17.92 4.00 21.52
N ARG C 39 -18.66 5.08 21.75
CA ARG C 39 -19.14 5.94 20.69
C ARG C 39 -18.05 6.71 19.95
N ALA C 40 -17.01 7.16 20.67
CA ALA C 40 -15.94 7.97 20.08
C ALA C 40 -15.10 7.14 19.08
N MSE C 41 -15.09 5.82 19.23
N MSE C 41 -15.12 5.83 19.24
CA MSE C 41 -14.25 4.98 18.36
CA MSE C 41 -14.32 4.91 18.41
C MSE C 41 -14.52 5.29 16.88
C MSE C 41 -14.53 5.19 16.92
O MSE C 41 -13.57 5.50 16.11
O MSE C 41 -13.57 5.30 16.17
CB MSE C 41 -14.47 3.50 18.64
CB MSE C 41 -14.66 3.46 18.76
CG MSE C 41 -14.15 2.61 17.42
CG MSE C 41 -13.92 2.37 17.98
SE MSE C 41 -14.43 0.71 17.75
SE MSE C 41 -12.11 2.01 18.62
CE MSE C 41 -16.24 0.83 18.47
CE MSE C 41 -11.13 3.28 17.50
N ALA C 42 -15.80 5.36 16.51
CA ALA C 42 -16.13 5.60 15.12
C ALA C 42 -15.69 7.00 14.64
N GLU C 43 -15.69 7.97 15.55
CA GLU C 43 -15.28 9.34 15.24
C GLU C 43 -13.78 9.47 14.99
N VAL C 44 -13.02 8.76 15.84
CA VAL C 44 -11.57 8.75 15.80
C VAL C 44 -11.13 7.98 14.57
N GLN C 45 -11.75 6.83 14.32
CA GLN C 45 -11.54 6.06 13.09
CA GLN C 45 -11.47 6.07 13.10
C GLN C 45 -11.77 6.93 11.85
N GLY C 46 -12.86 7.71 11.88
CA GLY C 46 -13.21 8.59 10.77
C GLY C 46 -12.17 9.67 10.54
N LEU C 47 -11.70 10.29 11.63
CA LEU C 47 -10.65 11.31 11.53
C LEU C 47 -9.37 10.77 10.86
N VAL C 48 -8.92 9.60 11.29
CA VAL C 48 -7.71 9.03 10.69
CA VAL C 48 -7.73 8.93 10.72
C VAL C 48 -7.95 8.61 9.25
N ASP C 49 -9.14 8.07 8.94
CA ASP C 49 -9.49 7.72 7.55
C ASP C 49 -9.54 8.96 6.63
N ALA C 50 -9.81 10.12 7.21
CA ALA C 50 -9.96 11.37 6.46
C ALA C 50 -8.71 12.24 6.38
N ASP C 51 -7.87 12.18 7.40
CA ASP C 51 -6.66 12.99 7.52
C ASP C 51 -5.49 12.04 7.73
N PRO C 52 -4.73 11.78 6.65
CA PRO C 52 -3.67 10.78 6.74
C PRO C 52 -2.45 11.30 7.49
N ASN C 53 -2.50 12.56 7.95
CA ASN C 53 -1.40 13.15 8.68
C ASN C 53 -1.66 13.31 10.17
N VAL C 54 -2.79 12.77 10.64
CA VAL C 54 -3.11 12.73 12.07
C VAL C 54 -2.38 11.55 12.74
N ARG C 55 -1.69 11.85 13.83
CA ARG C 55 -1.03 10.86 14.67
C ARG C 55 -1.87 10.71 15.94
N LEU C 56 -2.11 9.47 16.36
CA LEU C 56 -2.90 9.19 17.56
C LEU C 56 -2.01 8.67 18.66
N VAL C 57 -2.23 9.18 19.87
CA VAL C 57 -1.57 8.61 21.05
C VAL C 57 -2.66 8.21 22.04
N TYR C 58 -2.57 6.98 22.57
CA TYR C 58 -3.58 6.44 23.47
C TYR C 58 -3.12 6.44 24.92
N ARG C 59 -4.00 6.95 25.78
CA ARG C 59 -3.83 6.87 27.23
C ARG C 59 -4.93 5.98 27.80
N GLU C 60 -4.57 4.77 28.20
CA GLU C 60 -5.46 3.90 28.95
C GLU C 60 -5.67 4.52 30.34
N TRP C 61 -6.91 4.93 30.62
CA TRP C 61 -7.21 5.57 31.92
C TRP C 61 -8.44 4.91 32.55
N PRO C 62 -8.25 3.74 33.18
CA PRO C 62 -9.39 2.99 33.74
C PRO C 62 -9.88 3.70 35.01
N ILE C 63 -11.13 4.19 34.99
CA ILE C 63 -11.69 4.94 36.10
C ILE C 63 -13.02 4.35 36.55
N LEU C 64 -13.57 3.45 35.74
CA LEU C 64 -14.95 3.01 35.96
C LEU C 64 -15.10 1.73 36.74
N GLY C 65 -14.00 1.14 37.20
CA GLY C 65 -14.12 -0.02 38.09
C GLY C 65 -13.09 -1.12 37.85
N GLU C 66 -13.28 -2.24 38.55
CA GLU C 66 -12.35 -3.37 38.46
C GLU C 66 -12.32 -3.97 37.05
N GLY C 67 -13.48 -4.07 36.40
CA GLY C 67 -13.53 -4.57 35.00
C GLY C 67 -12.73 -3.67 34.08
N SER C 68 -12.93 -2.37 34.21
CA SER C 68 -12.19 -1.38 33.41
C SER C 68 -10.69 -1.51 33.62
N ASP C 69 -10.30 -1.69 34.90
N ASP C 69 -10.29 -1.74 34.87
CA ASP C 69 -8.90 -1.96 35.28
CA ASP C 69 -8.88 -1.92 35.14
C ASP C 69 -8.36 -3.17 34.49
C ASP C 69 -8.31 -3.20 34.51
N PHE C 70 -9.08 -4.29 34.57
CA PHE C 70 -8.66 -5.54 33.93
C PHE C 70 -8.53 -5.31 32.43
N ALA C 71 -9.52 -4.63 31.84
CA ALA C 71 -9.50 -4.36 30.41
C ALA C 71 -8.30 -3.51 29.98
N ALA C 72 -7.98 -2.47 30.76
CA ALA C 72 -6.81 -1.62 30.44
C ALA C 72 -5.51 -2.43 30.52
N ARG C 73 -5.36 -3.23 31.58
N ARG C 73 -5.35 -3.22 31.59
CA ARG C 73 -4.15 -4.04 31.75
CA ARG C 73 -4.15 -4.04 31.73
C ARG C 73 -3.99 -5.08 30.64
C ARG C 73 -4.01 -5.01 30.57
N ALA C 74 -5.11 -5.72 30.28
CA ALA C 74 -5.14 -6.68 29.15
C ALA C 74 -4.77 -6.02 27.84
N ALA C 75 -5.36 -4.84 27.58
CA ALA C 75 -5.06 -4.12 26.31
C ALA C 75 -3.56 -3.78 26.24
N LEU C 76 -3.02 -3.23 27.32
CA LEU C 76 -1.60 -2.92 27.32
C LEU C 76 -0.72 -4.16 27.16
N ALA C 77 -1.15 -5.28 27.74
CA ALA C 77 -0.39 -6.53 27.64
C ALA C 77 -0.41 -7.05 26.21
N ALA C 78 -1.49 -6.75 25.49
CA ALA C 78 -1.61 -7.20 24.09
C ALA C 78 -0.54 -6.59 23.17
N ARG C 79 0.05 -5.47 23.58
CA ARG C 79 1.19 -4.94 22.84
C ARG C 79 2.30 -5.96 22.64
N GLN C 80 2.51 -6.84 23.62
CA GLN C 80 3.59 -7.85 23.55
C GLN C 80 3.32 -8.89 22.46
N GLN C 81 2.09 -8.97 22.00
CA GLN C 81 1.72 -9.95 20.98
C GLN C 81 1.36 -9.25 19.67
N GLY C 82 1.61 -7.95 19.58
CA GLY C 82 1.43 -7.23 18.31
C GLY C 82 -0.02 -6.99 17.95
N LYS C 83 -0.91 -7.04 18.93
CA LYS C 83 -2.35 -7.03 18.62
C LYS C 83 -3.11 -5.94 19.37
N TYR C 84 -2.39 -4.91 19.81
CA TYR C 84 -3.02 -3.85 20.59
C TYR C 84 -4.20 -3.23 19.85
N GLU C 85 -3.96 -2.83 18.60
CA GLU C 85 -5.00 -2.08 17.89
C GLU C 85 -6.24 -2.93 17.61
N ALA C 86 -6.03 -4.16 17.12
CA ALA C 86 -7.17 -5.07 16.85
C ALA C 86 -7.98 -5.30 18.12
N PHE C 87 -7.26 -5.49 19.24
CA PHE C 87 -7.88 -5.76 20.54
C PHE C 87 -8.64 -4.55 21.07
N HIS C 88 -8.00 -3.37 21.01
CA HIS C 88 -8.68 -2.10 21.36
C HIS C 88 -10.01 -1.91 20.64
N TRP C 89 -10.01 -2.09 19.32
CA TRP C 89 -11.21 -1.90 18.52
CA TRP C 89 -11.23 -1.91 18.53
C TRP C 89 -12.28 -2.94 18.94
N ALA C 90 -11.85 -4.18 19.14
CA ALA C 90 -12.82 -5.23 19.48
C ALA C 90 -13.44 -5.03 20.87
N LEU C 91 -12.62 -4.59 21.83
CA LEU C 91 -13.12 -4.23 23.15
C LEU C 91 -14.12 -3.07 23.06
N MSE C 92 -13.78 -2.01 22.34
CA MSE C 92 -14.73 -0.89 22.22
C MSE C 92 -16.03 -1.22 21.48
O MSE C 92 -17.04 -0.52 21.63
CB MSE C 92 -14.09 0.31 21.55
CG MSE C 92 -13.08 0.98 22.40
SE MSE C 92 -13.90 1.83 24.01
CE MSE C 92 -12.25 2.66 24.52
N GLY C 93 -16.01 -2.27 20.68
CA GLY C 93 -17.15 -2.65 19.89
C GLY C 93 -17.99 -3.76 20.51
N MSE C 94 -17.58 -4.26 21.68
CA MSE C 94 -18.19 -5.45 22.26
C MSE C 94 -19.57 -5.14 22.84
O MSE C 94 -19.89 -3.98 23.07
CB MSE C 94 -17.27 -6.05 23.32
CG MSE C 94 -17.26 -5.27 24.64
SE MSE C 94 -15.99 -5.95 25.89
CE MSE C 94 -16.94 -7.56 26.38
N SER C 95 -20.36 -6.18 23.09
CA SER C 95 -21.74 -5.96 23.53
C SER C 95 -21.92 -5.58 25.00
N GLY C 96 -21.38 -6.43 25.87
CA GLY C 96 -21.61 -6.28 27.30
C GLY C 96 -20.42 -5.67 27.99
N LYS C 97 -20.33 -5.90 29.29
CA LYS C 97 -19.34 -5.27 30.13
C LYS C 97 -17.94 -5.80 29.82
N ALA C 98 -16.97 -4.88 29.81
CA ALA C 98 -15.58 -5.26 29.79
C ALA C 98 -15.20 -5.62 31.23
N ASN C 99 -15.41 -6.89 31.58
CA ASN C 99 -14.97 -7.47 32.85
C ASN C 99 -14.01 -8.62 32.54
N GLU C 100 -13.52 -9.30 33.57
CA GLU C 100 -12.53 -10.35 33.35
C GLU C 100 -12.99 -11.36 32.28
N THR C 101 -14.19 -11.90 32.45
CA THR C 101 -14.72 -12.92 31.53
CA THR C 101 -14.66 -12.93 31.52
C THR C 101 -14.86 -12.37 30.10
N GLY C 102 -15.48 -11.20 29.97
CA GLY C 102 -15.70 -10.59 28.66
C GLY C 102 -14.43 -10.19 27.94
N VAL C 103 -13.48 -9.63 28.69
CA VAL C 103 -12.18 -9.19 28.14
C VAL C 103 -11.40 -10.42 27.63
N LEU C 104 -11.37 -11.48 28.43
CA LEU C 104 -10.69 -12.70 27.97
C LEU C 104 -11.37 -13.31 26.75
N ARG C 105 -12.70 -13.27 26.70
CA ARG C 105 -13.42 -13.78 25.54
C ARG C 105 -13.02 -13.03 24.26
N ILE C 106 -13.09 -11.71 24.34
CA ILE C 106 -12.68 -10.83 23.22
C ILE C 106 -11.21 -11.08 22.86
N ALA C 107 -10.35 -11.20 23.86
CA ALA C 107 -8.94 -11.56 23.60
C ALA C 107 -8.76 -12.83 22.77
N ARG C 108 -9.45 -13.90 23.13
CA ARG C 108 -9.39 -15.13 22.37
C ARG C 108 -9.91 -14.86 20.94
N GLU C 109 -10.96 -14.04 20.84
CA GLU C 109 -11.59 -13.78 19.51
C GLU C 109 -10.73 -12.95 18.56
N VAL C 110 -9.79 -12.20 19.11
CA VAL C 110 -8.80 -11.51 18.28
C VAL C 110 -7.46 -12.28 18.17
N GLY C 111 -7.45 -13.52 18.63
CA GLY C 111 -6.29 -14.38 18.42
C GLY C 111 -5.14 -14.23 19.41
N LEU C 112 -5.41 -13.63 20.56
CA LEU C 112 -4.39 -13.49 21.61
C LEU C 112 -4.25 -14.77 22.38
N ASP C 113 -3.02 -15.07 22.79
CA ASP C 113 -2.75 -16.19 23.69
C ASP C 113 -3.05 -15.63 25.08
N THR C 114 -4.10 -16.16 25.72
CA THR C 114 -4.59 -15.53 26.93
C THR C 114 -3.78 -15.96 28.15
N GLU C 115 -3.06 -17.10 28.05
CA GLU C 115 -2.11 -17.50 29.11
CA GLU C 115 -2.14 -17.49 29.12
C GLU C 115 -1.00 -16.47 29.17
N GLN C 116 -0.41 -16.17 28.02
CA GLN C 116 0.64 -15.15 27.93
C GLN C 116 0.12 -13.78 28.32
N LEU C 117 -1.09 -13.45 27.84
CA LEU C 117 -1.70 -12.15 28.12
C LEU C 117 -1.74 -11.90 29.63
N GLN C 118 -2.17 -12.91 30.39
CA GLN C 118 -2.36 -12.71 31.81
C GLN C 118 -1.04 -12.60 32.56
N ARG C 119 0.01 -13.27 32.10
CA ARG C 119 1.35 -13.06 32.65
CA ARG C 119 1.35 -13.06 32.65
C ARG C 119 1.79 -11.63 32.32
N ASP C 120 1.60 -11.23 31.07
CA ASP C 120 2.03 -9.90 30.64
C ASP C 120 1.27 -8.75 31.29
N MSE C 121 0.04 -9.01 31.74
CA MSE C 121 -0.76 -8.01 32.48
C MSE C 121 -0.05 -7.55 33.78
O MSE C 121 -0.29 -6.44 34.26
CB MSE C 121 -2.15 -8.56 32.76
CG MSE C 121 -3.08 -8.43 31.52
SE MSE C 121 -4.71 -9.46 31.79
CE MSE C 121 -5.47 -8.29 33.17
N GLU C 122 0.80 -8.40 34.29
CA GLU C 122 1.49 -8.12 35.55
C GLU C 122 2.77 -7.28 35.36
N ALA C 123 3.11 -6.94 34.13
CA ALA C 123 4.42 -6.34 33.86
C ALA C 123 4.49 -4.92 34.48
N PRO C 124 5.68 -4.53 34.99
CA PRO C 124 5.77 -3.16 35.57
C PRO C 124 5.27 -2.04 34.64
N GLU C 125 5.58 -2.14 33.33
N GLU C 125 5.59 -2.13 33.33
CA GLU C 125 5.20 -1.06 32.42
CA GLU C 125 5.21 -1.08 32.38
C GLU C 125 3.69 -0.91 32.20
C GLU C 125 3.70 -0.90 32.22
N VAL C 126 2.93 -1.95 32.51
CA VAL C 126 1.47 -1.85 32.45
C VAL C 126 0.99 -0.91 33.56
N THR C 127 1.40 -1.18 34.79
CA THR C 127 1.05 -0.29 35.90
C THR C 127 1.60 1.11 35.64
N ALA C 128 2.81 1.20 35.10
CA ALA C 128 3.46 2.52 34.92
C ALA C 128 2.66 3.36 33.91
N HIS C 129 2.16 2.73 32.84
CA HIS C 129 1.33 3.47 31.88
C HIS C 129 0.07 4.00 32.56
N ILE C 130 -0.62 3.14 33.28
CA ILE C 130 -1.87 3.54 33.91
C ILE C 130 -1.62 4.69 34.91
N ALA C 131 -0.56 4.59 35.73
CA ALA C 131 -0.24 5.67 36.67
C ALA C 131 0.04 6.97 35.95
N GLN C 132 0.79 6.88 34.85
CA GLN C 132 1.07 8.09 34.05
C GLN C 132 -0.18 8.68 33.36
N SER C 133 -1.12 7.85 32.90
CA SER C 133 -2.42 8.37 32.40
C SER C 133 -3.13 9.15 33.51
N MSE C 134 -3.18 8.57 34.71
CA MSE C 134 -3.74 9.29 35.88
C MSE C 134 -3.05 10.63 36.11
O MSE C 134 -3.72 11.65 36.30
CB MSE C 134 -3.61 8.41 37.14
CG MSE C 134 -4.36 7.12 37.03
SE MSE C 134 -3.84 5.93 38.52
CE MSE C 134 -4.42 7.06 39.97
N ALA C 135 -1.70 10.63 36.11
CA ALA C 135 -0.96 11.87 36.33
C ALA C 135 -1.29 12.94 35.28
N LEU C 136 -1.28 12.54 34.03
CA LEU C 136 -1.57 13.46 32.93
C LEU C 136 -2.99 14.01 33.03
N ALA C 137 -3.97 13.15 33.32
CA ALA C 137 -5.35 13.61 33.42
C ALA C 137 -5.47 14.66 34.51
N GLN C 138 -4.80 14.44 35.63
CA GLN C 138 -4.89 15.34 36.77
C GLN C 138 -4.29 16.67 36.39
N LYS C 139 -3.15 16.64 35.71
CA LYS C 139 -2.45 17.86 35.31
C LYS C 139 -3.26 18.69 34.33
N LEU C 140 -3.96 18.01 33.42
CA LEU C 140 -4.75 18.63 32.35
C LEU C 140 -6.17 19.02 32.76
N GLY C 141 -6.60 18.68 33.96
CA GLY C 141 -7.95 19.03 34.40
C GLY C 141 -9.01 18.11 33.77
N PHE C 142 -8.63 16.90 33.39
CA PHE C 142 -9.63 15.92 32.92
C PHE C 142 -10.17 15.11 34.11
N ASN C 143 -11.47 14.93 34.16
CA ASN C 143 -12.11 14.18 35.25
C ASN C 143 -13.04 13.09 34.74
N GLY C 144 -12.89 12.75 33.47
CA GLY C 144 -13.67 11.64 32.91
C GLY C 144 -13.23 11.37 31.50
N THR C 145 -13.86 10.35 30.92
CA THR C 145 -13.47 9.88 29.59
C THR C 145 -14.72 9.98 28.69
N PRO C 146 -14.51 9.99 27.35
CA PRO C 146 -13.19 10.16 26.74
C PRO C 146 -12.78 11.63 26.90
N SER C 147 -11.48 11.91 26.85
CA SER C 147 -11.00 13.29 26.84
C SER C 147 -9.85 13.31 25.84
N PHE C 148 -9.65 14.47 25.21
CA PHE C 148 -8.74 14.60 24.06
C PHE C 148 -7.76 15.76 24.25
N VAL C 149 -6.53 15.57 23.73
CA VAL C 149 -5.56 16.68 23.58
C VAL C 149 -5.25 16.77 22.09
N VAL C 150 -5.39 17.95 21.50
CA VAL C 150 -5.00 18.14 20.08
C VAL C 150 -3.99 19.28 20.08
N GLU C 151 -2.71 18.92 20.03
CA GLU C 151 -1.62 19.85 20.33
C GLU C 151 -1.96 20.73 21.55
N ASP C 152 -2.40 21.96 21.30
CA ASP C 152 -2.72 22.92 22.37
C ASP C 152 -4.09 22.76 23.03
N ALA C 153 -5.08 22.25 22.29
CA ALA C 153 -6.46 22.22 22.77
C ALA C 153 -6.70 21.05 23.72
N LEU C 154 -7.38 21.32 24.83
CA LEU C 154 -7.69 20.28 25.83
C LEU C 154 -9.20 20.20 25.91
N VAL C 155 -9.73 19.04 25.55
CA VAL C 155 -11.16 18.89 25.33
C VAL C 155 -11.70 17.70 26.12
N PRO C 156 -12.39 17.98 27.25
CA PRO C 156 -12.98 16.84 27.97
C PRO C 156 -14.26 16.40 27.29
N GLY C 157 -14.50 15.09 27.19
CA GLY C 157 -15.78 14.59 26.73
C GLY C 157 -15.79 14.20 25.26
N PHE C 158 -16.83 13.46 24.89
CA PHE C 158 -17.06 13.02 23.52
C PHE C 158 -16.99 14.21 22.57
N VAL C 159 -16.40 13.95 21.41
CA VAL C 159 -16.44 14.93 20.31
CA VAL C 159 -16.29 14.93 20.33
C VAL C 159 -16.64 14.22 19.00
N GLU C 160 -17.27 14.93 18.07
CA GLU C 160 -17.48 14.41 16.73
C GLU C 160 -16.25 14.63 15.87
N GLN C 161 -16.13 13.81 14.83
CA GLN C 161 -15.04 13.96 13.86
C GLN C 161 -14.73 15.40 13.44
N SER C 162 -15.76 16.18 13.09
CA SER C 162 -15.54 17.55 12.61
C SER C 162 -14.91 18.46 13.66
N GLN C 163 -15.19 18.21 14.94
CA GLN C 163 -14.60 19.02 16.01
C GLN C 163 -13.12 18.68 16.16
N LEU C 164 -12.82 17.38 16.09
CA LEU C 164 -11.43 16.90 16.08
C LEU C 164 -10.66 17.52 14.91
N GLN C 165 -11.27 17.49 13.73
CA GLN C 165 -10.65 18.06 12.54
C GLN C 165 -10.41 19.58 12.64
N ASP C 166 -11.36 20.31 13.21
CA ASP C 166 -11.20 21.75 13.42
C ASP C 166 -9.99 22.00 14.32
N ALA C 167 -9.86 21.19 15.38
CA ALA C 167 -8.73 21.28 16.31
C ALA C 167 -7.40 20.94 15.63
N VAL C 168 -7.37 19.90 14.81
N VAL C 168 -7.40 19.90 14.82
CA VAL C 168 -6.12 19.57 14.10
CA VAL C 168 -6.21 19.52 14.05
C VAL C 168 -5.74 20.66 13.09
C VAL C 168 -5.78 20.67 13.15
N ASP C 169 -6.73 21.20 12.38
CA ASP C 169 -6.49 22.30 11.46
C ASP C 169 -5.93 23.53 12.15
N ARG C 170 -6.52 23.90 13.28
CA ARG C 170 -6.05 25.04 14.05
C ARG C 170 -4.61 24.82 14.50
N ALA C 171 -4.31 23.59 14.94
CA ALA C 171 -2.97 23.19 15.36
C ALA C 171 -1.98 23.36 14.21
N ARG C 172 -2.39 22.97 13.00
CA ARG C 172 -1.53 23.14 11.80
C ARG C 172 -1.11 24.58 11.53
N LYS C 173 -2.02 25.53 11.75
CA LYS C 173 -1.79 26.94 11.41
C LYS C 173 -0.66 27.58 12.21
N ALA C 174 -0.47 27.09 13.44
CA ALA C 174 0.38 27.74 14.45
C ALA C 174 1.87 27.78 14.10
N ALA C 175 2.57 28.81 14.61
CA ALA C 175 4.02 28.98 14.39
C ALA C 175 4.78 27.75 14.86
N ALA D 3 22.02 -28.20 -4.09
CA ALA D 3 21.39 -29.48 -3.69
C ALA D 3 20.00 -29.23 -3.08
N ASN D 4 19.80 -29.66 -1.83
CA ASN D 4 18.51 -29.64 -1.15
C ASN D 4 17.72 -28.32 -1.18
N ARG D 5 16.41 -28.43 -0.96
CA ARG D 5 15.49 -27.30 -1.03
C ARG D 5 15.83 -26.21 -0.02
N ASP D 6 16.16 -26.61 1.21
CA ASP D 6 16.49 -25.64 2.25
C ASP D 6 17.70 -24.80 1.88
N SER D 7 18.70 -25.42 1.27
CA SER D 7 19.92 -24.71 0.86
C SER D 7 19.63 -23.69 -0.26
N LEU D 8 18.69 -24.01 -1.15
CA LEU D 8 18.41 -23.13 -2.27
C LEU D 8 17.41 -22.04 -1.94
N PHE D 9 16.39 -22.39 -1.17
CA PHE D 9 15.23 -21.53 -1.04
C PHE D 9 15.08 -20.96 0.35
N ASN D 10 15.70 -21.59 1.35
CA ASN D 10 15.47 -21.20 2.74
C ASN D 10 16.73 -20.79 3.52
N ASP D 11 17.72 -20.24 2.82
CA ASP D 11 18.97 -19.83 3.45
C ASP D 11 18.81 -18.44 4.06
N PRO D 12 18.91 -18.33 5.40
CA PRO D 12 18.73 -17.00 5.99
C PRO D 12 19.82 -16.00 5.61
N ASN D 13 20.96 -16.50 5.14
CA ASN D 13 22.09 -15.65 4.73
C ASN D 13 22.04 -15.28 3.24
N ALA D 14 20.90 -15.54 2.56
CA ALA D 14 20.73 -15.11 1.15
C ALA D 14 19.57 -14.15 1.06
N PRO D 15 19.81 -12.98 0.45
CA PRO D 15 18.76 -11.95 0.33
C PRO D 15 17.48 -12.48 -0.32
N VAL D 16 16.34 -12.02 0.20
CA VAL D 16 15.07 -12.40 -0.39
C VAL D 16 14.45 -11.09 -0.88
N LEU D 17 14.06 -11.09 -2.15
CA LEU D 17 13.41 -9.95 -2.78
C LEU D 17 12.12 -10.44 -3.43
N GLY D 18 11.48 -9.59 -4.23
CA GLY D 18 10.13 -9.89 -4.71
C GLY D 18 9.14 -10.11 -3.58
N ASN D 19 8.27 -11.11 -3.72
CA ASN D 19 7.31 -11.40 -2.65
C ASN D 19 7.93 -12.46 -1.73
N PRO D 20 8.28 -12.07 -0.50
CA PRO D 20 8.96 -13.00 0.41
C PRO D 20 8.09 -14.19 0.80
N GLU D 21 6.78 -14.04 0.57
CA GLU D 21 5.81 -15.09 0.78
C GLU D 21 5.30 -15.72 -0.53
N GLY D 22 6.01 -15.49 -1.62
CA GLY D 22 5.55 -15.99 -2.92
C GLY D 22 5.60 -17.51 -3.00
N ASP D 23 4.80 -18.11 -3.87
CA ASP D 23 4.74 -19.56 -3.94
C ASP D 23 5.75 -20.19 -4.89
N VAL D 24 6.45 -19.38 -5.69
CA VAL D 24 7.50 -19.89 -6.56
C VAL D 24 8.73 -19.05 -6.34
N THR D 25 9.85 -19.72 -6.06
CA THR D 25 11.13 -19.02 -5.87
C THR D 25 11.99 -19.05 -7.14
N VAL D 26 12.48 -17.89 -7.53
CA VAL D 26 13.50 -17.76 -8.58
C VAL D 26 14.81 -17.36 -7.90
N VAL D 27 15.84 -18.17 -8.07
CA VAL D 27 17.17 -17.90 -7.52
C VAL D 27 18.02 -17.34 -8.64
N GLU D 28 18.72 -16.23 -8.42
CA GLU D 28 19.68 -15.72 -9.42
C GLU D 28 21.09 -15.66 -8.85
N PHE D 29 22.03 -16.19 -9.63
CA PHE D 29 23.46 -16.10 -9.33
C PHE D 29 24.01 -15.01 -10.22
N PHE D 30 24.72 -14.02 -9.66
CA PHE D 30 25.21 -12.92 -10.50
C PHE D 30 26.53 -12.33 -10.00
N ASP D 31 27.11 -11.53 -10.87
CA ASP D 31 28.36 -10.80 -10.63
C ASP D 31 28.14 -9.39 -11.18
N TYR D 32 28.57 -8.38 -10.41
CA TYR D 32 28.30 -7.00 -10.77
C TYR D 32 29.07 -6.48 -11.97
N ASN D 33 30.06 -7.25 -12.44
CA ASN D 33 30.77 -6.90 -13.66
C ASN D 33 30.35 -7.74 -14.87
N CYS D 34 29.32 -8.55 -14.69
CA CYS D 34 28.86 -9.42 -15.77
C CYS D 34 27.87 -8.64 -16.67
N PRO D 35 28.19 -8.49 -17.95
CA PRO D 35 27.31 -7.62 -18.79
C PRO D 35 25.91 -8.19 -18.91
N TYR D 36 25.77 -9.52 -18.99
CA TYR D 36 24.44 -10.13 -18.99
C TYR D 36 23.65 -10.06 -17.67
N CYS D 37 24.35 -9.98 -16.54
CA CYS D 37 23.70 -9.72 -15.26
C CYS D 37 23.12 -8.30 -15.22
N ARG D 38 23.90 -7.34 -15.72
CA ARG D 38 23.44 -5.96 -15.81
C ARG D 38 22.20 -5.87 -16.70
N ARG D 39 22.19 -6.65 -17.79
N ARG D 39 22.20 -6.63 -17.80
CA ARG D 39 21.01 -6.69 -18.66
CA ARG D 39 21.03 -6.76 -18.68
C ARG D 39 19.83 -7.47 -18.06
C ARG D 39 19.84 -7.44 -18.01
N ALA D 40 20.12 -8.49 -17.24
CA ALA D 40 19.07 -9.31 -16.61
C ALA D 40 18.25 -8.52 -15.57
N MSE D 41 18.84 -7.43 -15.06
CA MSE D 41 18.22 -6.62 -14.01
CA MSE D 41 18.21 -6.63 -14.01
C MSE D 41 16.79 -6.24 -14.42
O MSE D 41 15.84 -6.44 -13.65
CB MSE D 41 19.09 -5.38 -13.74
CB MSE D 41 19.03 -5.36 -13.72
CG MSE D 41 18.63 -4.45 -12.60
CG MSE D 41 18.25 -4.32 -12.87
SE MSE D 41 18.96 -5.11 -10.79
SE MSE D 41 19.22 -2.69 -12.46
CE MSE D 41 17.17 -5.79 -10.38
CE MSE D 41 19.30 -1.97 -14.29
N ALA D 42 16.64 -5.72 -15.63
CA ALA D 42 15.34 -5.26 -16.12
C ALA D 42 14.34 -6.40 -16.32
N GLU D 43 14.85 -7.58 -16.66
CA GLU D 43 14.00 -8.74 -16.89
C GLU D 43 13.41 -9.25 -15.58
N VAL D 44 14.27 -9.32 -14.58
CA VAL D 44 13.93 -9.77 -13.24
C VAL D 44 12.97 -8.76 -12.60
N GLN D 45 13.30 -7.46 -12.73
CA GLN D 45 12.38 -6.39 -12.30
CA GLN D 45 12.39 -6.41 -12.28
C GLN D 45 11.00 -6.57 -12.93
N GLY D 46 10.95 -6.86 -14.24
CA GLY D 46 9.69 -7.01 -14.95
C GLY D 46 8.89 -8.20 -14.47
N LEU D 47 9.58 -9.32 -14.22
CA LEU D 47 8.91 -10.51 -13.68
C LEU D 47 8.21 -10.22 -12.34
N VAL D 48 8.90 -9.53 -11.44
CA VAL D 48 8.30 -9.26 -10.14
C VAL D 48 7.17 -8.25 -10.27
N ASP D 49 7.35 -7.26 -11.15
CA ASP D 49 6.27 -6.28 -11.39
C ASP D 49 5.04 -6.94 -12.02
N ALA D 50 5.22 -8.02 -12.77
CA ALA D 50 4.13 -8.72 -13.43
C ALA D 50 3.47 -9.83 -12.60
N ASP D 51 4.28 -10.53 -11.81
CA ASP D 51 3.83 -11.69 -11.02
C ASP D 51 4.09 -11.37 -9.54
N PRO D 52 3.03 -10.94 -8.82
CA PRO D 52 3.24 -10.53 -7.43
C PRO D 52 3.47 -11.71 -6.50
N ASN D 53 3.43 -12.93 -7.04
CA ASN D 53 3.64 -14.13 -6.25
C ASN D 53 5.00 -14.78 -6.46
N VAL D 54 5.88 -14.12 -7.21
CA VAL D 54 7.27 -14.60 -7.38
C VAL D 54 8.11 -14.11 -6.20
N ARG D 55 8.88 -15.03 -5.63
CA ARG D 55 9.85 -14.77 -4.58
C ARG D 55 11.23 -14.88 -5.22
N LEU D 56 12.11 -13.92 -4.90
CA LEU D 56 13.47 -13.91 -5.45
C LEU D 56 14.46 -14.25 -4.35
N VAL D 57 15.43 -15.08 -4.68
CA VAL D 57 16.57 -15.34 -3.76
C VAL D 57 17.84 -15.01 -4.55
N TYR D 58 18.73 -14.22 -3.94
CA TYR D 58 19.98 -13.81 -4.60
C TYR D 58 21.18 -14.56 -4.07
N ARG D 59 21.98 -15.07 -5.01
CA ARG D 59 23.30 -15.62 -4.71
C ARG D 59 24.36 -14.69 -5.33
N GLU D 60 25.08 -13.97 -4.46
CA GLU D 60 26.23 -13.21 -4.89
C GLU D 60 27.35 -14.23 -5.26
N TRP D 61 27.75 -14.24 -6.52
CA TRP D 61 28.75 -15.25 -6.97
C TRP D 61 29.82 -14.52 -7.80
N PRO D 62 30.77 -13.84 -7.12
CA PRO D 62 31.78 -13.05 -7.82
C PRO D 62 32.79 -13.99 -8.48
N ILE D 63 32.87 -13.95 -9.80
CA ILE D 63 33.78 -14.84 -10.53
C ILE D 63 34.68 -14.07 -11.47
N LEU D 64 34.39 -12.78 -11.67
CA LEU D 64 35.07 -12.02 -12.72
C LEU D 64 36.26 -11.22 -12.26
N GLY D 65 36.63 -11.33 -10.99
CA GLY D 65 37.89 -10.70 -10.57
C GLY D 65 37.82 -10.00 -9.23
N GLU D 66 38.88 -9.26 -8.91
CA GLU D 66 38.99 -8.61 -7.61
C GLU D 66 37.92 -7.52 -7.43
N GLY D 67 37.61 -6.80 -8.49
CA GLY D 67 36.54 -5.76 -8.42
C GLY D 67 35.21 -6.42 -8.11
N SER D 68 34.91 -7.51 -8.82
CA SER D 68 33.66 -8.24 -8.57
C SER D 68 33.59 -8.76 -7.15
N ASP D 69 34.72 -9.23 -6.64
N ASP D 69 34.72 -9.26 -6.65
CA ASP D 69 34.74 -9.67 -5.25
CA ASP D 69 34.86 -9.69 -5.25
C ASP D 69 34.42 -8.53 -4.28
C ASP D 69 34.46 -8.56 -4.29
N PHE D 70 35.05 -7.38 -4.50
CA PHE D 70 34.82 -6.20 -3.64
C PHE D 70 33.34 -5.81 -3.70
N ALA D 71 32.79 -5.81 -4.91
CA ALA D 71 31.38 -5.46 -5.11
C ALA D 71 30.45 -6.41 -4.36
N ALA D 72 30.71 -7.71 -4.44
CA ALA D 72 29.86 -8.71 -3.76
C ALA D 72 29.93 -8.53 -2.25
N ARG D 73 31.15 -8.36 -1.73
CA ARG D 73 31.32 -8.14 -0.29
C ARG D 73 30.60 -6.88 0.18
N ALA D 74 30.76 -5.80 -0.57
CA ALA D 74 30.10 -4.52 -0.27
C ALA D 74 28.57 -4.65 -0.26
N ALA D 75 28.02 -5.29 -1.31
CA ALA D 75 26.57 -5.51 -1.37
C ALA D 75 26.06 -6.31 -0.17
N LEU D 76 26.74 -7.40 0.19
CA LEU D 76 26.32 -8.20 1.34
C LEU D 76 26.41 -7.41 2.65
N ALA D 77 27.43 -6.56 2.77
CA ALA D 77 27.61 -5.71 3.95
C ALA D 77 26.50 -4.68 4.04
N ALA D 78 25.98 -4.27 2.88
CA ALA D 78 24.91 -3.26 2.89
C ALA D 78 23.60 -3.76 3.53
N ARG D 79 23.42 -5.08 3.61
CA ARG D 79 22.31 -5.63 4.41
C ARG D 79 22.30 -5.07 5.83
N GLN D 80 23.47 -4.81 6.42
CA GLN D 80 23.51 -4.30 7.80
C GLN D 80 22.93 -2.90 7.93
N GLN D 81 22.83 -2.21 6.80
CA GLN D 81 22.33 -0.83 6.83
C GLN D 81 20.97 -0.75 6.15
N GLY D 82 20.38 -1.90 5.84
CA GLY D 82 19.01 -1.92 5.31
C GLY D 82 18.88 -1.44 3.88
N LYS D 83 19.97 -1.47 3.14
CA LYS D 83 20.02 -0.90 1.80
C LYS D 83 20.49 -1.86 0.72
N TYR D 84 20.38 -3.17 0.98
CA TYR D 84 20.86 -4.16 0.00
C TYR D 84 20.22 -3.95 -1.36
N GLU D 85 18.89 -3.89 -1.39
CA GLU D 85 18.19 -3.84 -2.67
C GLU D 85 18.51 -2.59 -3.49
N ALA D 86 18.46 -1.42 -2.86
CA ALA D 86 18.78 -0.13 -3.52
C ALA D 86 20.20 -0.19 -4.10
N PHE D 87 21.13 -0.73 -3.30
CA PHE D 87 22.56 -0.80 -3.67
C PHE D 87 22.77 -1.79 -4.82
N HIS D 88 22.18 -2.98 -4.72
CA HIS D 88 22.19 -3.95 -5.82
C HIS D 88 21.75 -3.34 -7.16
N TRP D 89 20.59 -2.66 -7.16
CA TRP D 89 20.09 -2.05 -8.37
CA TRP D 89 20.07 -2.05 -8.37
C TRP D 89 21.06 -1.00 -8.89
N ALA D 90 21.60 -0.18 -7.99
CA ALA D 90 22.49 0.90 -8.42
C ALA D 90 23.80 0.37 -8.98
N LEU D 91 24.33 -0.70 -8.38
CA LEU D 91 25.53 -1.35 -8.92
C LEU D 91 25.25 -1.94 -10.29
N MSE D 92 24.15 -2.66 -10.43
CA MSE D 92 23.85 -3.22 -11.76
C MSE D 92 23.56 -2.17 -12.85
O MSE D 92 23.69 -2.44 -14.04
CB MSE D 92 22.69 -4.21 -11.68
CG MSE D 92 23.05 -5.42 -10.95
SE MSE D 92 24.33 -6.49 -12.03
CE MSE D 92 24.15 -8.02 -10.91
N GLY D 93 23.19 -0.96 -12.43
CA GLY D 93 22.86 0.09 -13.37
C GLY D 93 23.99 1.07 -13.63
N MSE D 94 25.17 0.85 -13.04
CA MSE D 94 26.23 1.85 -13.05
C MSE D 94 26.99 1.88 -14.35
O MSE D 94 26.97 0.92 -15.12
CB MSE D 94 27.21 1.59 -11.89
CG MSE D 94 28.14 0.39 -12.14
SE MSE D 94 29.27 0.00 -10.62
CE MSE D 94 30.47 1.51 -10.84
N SER D 95 27.67 2.99 -14.58
CA SER D 95 28.55 3.13 -15.73
C SER D 95 29.96 2.80 -15.30
N GLY D 96 30.59 1.89 -16.01
CA GLY D 96 31.97 1.57 -15.70
C GLY D 96 32.08 0.45 -14.71
N LYS D 97 33.32 0.10 -14.40
CA LYS D 97 33.61 -1.16 -13.72
C LYS D 97 33.23 -1.07 -12.25
N ALA D 98 32.68 -2.17 -11.75
CA ALA D 98 32.48 -2.32 -10.33
C ALA D 98 33.82 -2.73 -9.74
N ASN D 99 34.64 -1.74 -9.39
CA ASN D 99 35.88 -1.94 -8.66
C ASN D 99 35.80 -1.19 -7.32
N GLU D 100 36.87 -1.22 -6.53
CA GLU D 100 36.85 -0.57 -5.22
C GLU D 100 36.32 0.88 -5.29
N THR D 101 36.94 1.70 -6.13
N THR D 101 36.92 1.72 -6.13
CA THR D 101 36.57 3.10 -6.26
CA THR D 101 36.52 3.13 -6.18
C THR D 101 35.10 3.27 -6.67
C THR D 101 35.10 3.35 -6.72
N GLY D 102 34.71 2.58 -7.74
CA GLY D 102 33.34 2.68 -8.29
C GLY D 102 32.25 2.19 -7.34
N VAL D 103 32.52 1.07 -6.69
CA VAL D 103 31.59 0.48 -5.69
C VAL D 103 31.39 1.44 -4.50
N LEU D 104 32.49 1.99 -3.98
CA LEU D 104 32.35 2.97 -2.90
C LEU D 104 31.61 4.24 -3.34
N ARG D 105 31.85 4.69 -4.56
CA ARG D 105 31.15 5.84 -5.07
C ARG D 105 29.63 5.60 -5.11
N ILE D 106 29.25 4.47 -5.70
CA ILE D 106 27.83 4.05 -5.78
C ILE D 106 27.24 3.86 -4.38
N ALA D 107 28.02 3.29 -3.45
CA ALA D 107 27.60 3.21 -2.05
C ALA D 107 27.25 4.54 -1.41
N ARG D 108 28.12 5.54 -1.58
CA ARG D 108 27.83 6.86 -1.05
C ARG D 108 26.56 7.39 -1.72
N GLU D 109 26.40 7.11 -3.01
CA GLU D 109 25.24 7.67 -3.75
C GLU D 109 23.91 7.04 -3.35
N VAL D 110 23.94 5.84 -2.81
CA VAL D 110 22.70 5.24 -2.26
C VAL D 110 22.56 5.45 -0.74
N GLY D 111 23.41 6.32 -0.20
CA GLY D 111 23.27 6.74 1.20
C GLY D 111 23.88 5.79 2.23
N LEU D 112 24.79 4.92 1.82
CA LEU D 112 25.50 4.04 2.76
C LEU D 112 26.62 4.78 3.46
N ASP D 113 26.82 4.44 4.73
CA ASP D 113 27.99 4.87 5.51
C ASP D 113 29.11 3.92 5.07
N THR D 114 30.09 4.46 4.34
CA THR D 114 31.08 3.59 3.72
C THR D 114 32.16 3.20 4.72
N GLU D 115 32.29 3.96 5.81
CA GLU D 115 33.21 3.53 6.89
C GLU D 115 32.65 2.25 7.51
N GLN D 116 31.35 2.28 7.89
CA GLN D 116 30.69 1.09 8.40
C GLN D 116 30.70 -0.03 7.39
N LEU D 117 30.41 0.29 6.13
CA LEU D 117 30.33 -0.70 5.06
C LEU D 117 31.63 -1.52 5.01
N GLN D 118 32.75 -0.82 5.06
CA GLN D 118 34.03 -1.49 4.88
C GLN D 118 34.39 -2.37 6.07
N ARG D 119 33.98 -1.99 7.28
CA ARG D 119 34.13 -2.88 8.45
C ARG D 119 33.21 -4.08 8.28
N ASP D 120 31.97 -3.83 7.84
CA ASP D 120 31.01 -4.94 7.69
C ASP D 120 31.34 -5.92 6.57
N MSE D 121 32.09 -5.46 5.57
CA MSE D 121 32.59 -6.32 4.51
C MSE D 121 33.48 -7.46 5.03
O MSE D 121 33.63 -8.49 4.36
CB MSE D 121 33.35 -5.48 3.49
CG MSE D 121 32.41 -4.77 2.48
SE MSE D 121 33.38 -3.42 1.48
CE MSE D 121 34.36 -4.66 0.32
N GLU D 122 34.05 -7.27 6.22
N GLU D 122 34.04 -7.30 6.22
CA GLU D 122 34.94 -8.27 6.82
CA GLU D 122 34.92 -8.33 6.75
C GLU D 122 34.22 -9.33 7.65
C GLU D 122 34.19 -9.43 7.50
N ALA D 123 32.89 -9.25 7.74
CA ALA D 123 32.11 -10.15 8.63
C ALA D 123 32.22 -11.58 8.14
N PRO D 124 32.29 -12.55 9.08
CA PRO D 124 32.31 -13.97 8.63
C PRO D 124 31.18 -14.34 7.66
N GLU D 125 29.97 -13.83 7.89
N GLU D 125 29.96 -13.84 7.90
CA GLU D 125 28.83 -14.22 7.04
CA GLU D 125 28.80 -14.17 7.03
C GLU D 125 28.92 -13.74 5.59
C GLU D 125 28.94 -13.75 5.58
N VAL D 126 29.73 -12.72 5.33
CA VAL D 126 29.95 -12.25 3.98
C VAL D 126 30.74 -13.32 3.22
N THR D 127 31.85 -13.76 3.80
CA THR D 127 32.63 -14.84 3.17
C THR D 127 31.79 -16.11 3.08
N ALA D 128 31.01 -16.41 4.11
CA ALA D 128 30.23 -17.65 4.14
C ALA D 128 29.18 -17.67 3.02
N HIS D 129 28.54 -16.51 2.76
CA HIS D 129 27.60 -16.43 1.64
C HIS D 129 28.30 -16.74 0.34
N ILE D 130 29.41 -16.08 0.08
CA ILE D 130 30.12 -16.25 -1.18
C ILE D 130 30.58 -17.71 -1.37
N ALA D 131 31.12 -18.34 -0.32
CA ALA D 131 31.51 -19.74 -0.41
C ALA D 131 30.34 -20.63 -0.72
N GLN D 132 29.19 -20.34 -0.10
CA GLN D 132 28.00 -21.14 -0.38
C GLN D 132 27.45 -20.92 -1.80
N SER D 133 27.55 -19.71 -2.33
CA SER D 133 27.18 -19.47 -3.75
C SER D 133 28.05 -20.34 -4.65
N MSE D 134 29.38 -20.32 -4.38
CA MSE D 134 30.31 -21.20 -5.11
C MSE D 134 29.90 -22.65 -5.02
O MSE D 134 29.88 -23.35 -6.04
CB MSE D 134 31.73 -21.04 -4.54
CG MSE D 134 32.23 -19.66 -4.74
SE MSE D 134 33.89 -19.44 -3.65
CE MSE D 134 35.01 -20.66 -4.62
N ALA D 135 29.59 -23.12 -3.81
CA ALA D 135 29.21 -24.54 -3.64
C ALA D 135 27.94 -24.90 -4.43
N LEU D 136 26.93 -24.06 -4.30
CA LEU D 136 25.67 -24.31 -5.03
C LEU D 136 25.88 -24.28 -6.54
N ALA D 137 26.66 -23.32 -7.05
CA ALA D 137 26.90 -23.24 -8.50
C ALA D 137 27.54 -24.55 -8.97
N GLN D 138 28.50 -25.05 -8.20
CA GLN D 138 29.21 -26.28 -8.57
C GLN D 138 28.26 -27.46 -8.60
N LYS D 139 27.42 -27.57 -7.56
CA LYS D 139 26.44 -28.66 -7.47
C LYS D 139 25.49 -28.67 -8.67
N LEU D 140 25.07 -27.47 -9.07
CA LEU D 140 24.03 -27.28 -10.07
C LEU D 140 24.55 -27.25 -11.51
N GLY D 141 25.87 -27.29 -11.68
CA GLY D 141 26.45 -27.29 -13.02
C GLY D 141 26.45 -25.90 -13.66
N PHE D 142 26.44 -24.85 -12.84
CA PHE D 142 26.58 -23.49 -13.36
C PHE D 142 28.05 -23.12 -13.44
N ASN D 143 28.44 -22.54 -14.55
CA ASN D 143 29.82 -22.12 -14.78
C ASN D 143 29.95 -20.67 -15.21
N GLY D 144 28.88 -19.90 -15.04
CA GLY D 144 28.95 -18.47 -15.31
C GLY D 144 27.65 -17.83 -14.89
N THR D 145 27.61 -16.52 -15.06
CA THR D 145 26.50 -15.70 -14.60
C THR D 145 25.92 -14.98 -15.82
N PRO D 146 24.64 -14.52 -15.74
CA PRO D 146 23.75 -14.88 -14.64
C PRO D 146 23.29 -16.33 -14.84
N SER D 147 22.87 -16.99 -13.77
CA SER D 147 22.23 -18.31 -13.90
C SER D 147 21.06 -18.31 -12.94
N PHE D 148 20.04 -19.11 -13.27
CA PHE D 148 18.77 -19.11 -12.57
C PHE D 148 18.30 -20.49 -12.15
N VAL D 149 17.62 -20.55 -11.01
CA VAL D 149 16.89 -21.75 -10.59
C VAL D 149 15.44 -21.33 -10.45
N VAL D 150 14.54 -22.02 -11.14
CA VAL D 150 13.10 -21.76 -10.94
C VAL D 150 12.47 -23.06 -10.47
N GLU D 151 12.24 -23.13 -9.16
CA GLU D 151 11.93 -24.40 -8.51
C GLU D 151 12.82 -25.52 -9.07
N ASP D 152 12.27 -26.39 -9.91
CA ASP D 152 13.02 -27.52 -10.46
C ASP D 152 13.91 -27.22 -11.68
N ALA D 153 13.67 -26.12 -12.38
CA ALA D 153 14.40 -25.81 -13.62
C ALA D 153 15.73 -25.10 -13.37
N LEU D 154 16.79 -25.55 -14.03
CA LEU D 154 18.12 -24.95 -13.84
C LEU D 154 18.55 -24.36 -15.16
N VAL D 155 18.75 -23.05 -15.18
CA VAL D 155 18.93 -22.32 -16.43
C VAL D 155 20.20 -21.48 -16.40
N PRO D 156 21.28 -21.94 -17.06
CA PRO D 156 22.44 -21.06 -17.10
C PRO D 156 22.26 -19.96 -18.12
N GLY D 157 22.68 -18.75 -17.80
CA GLY D 157 22.72 -17.69 -18.79
C GLY D 157 21.53 -16.74 -18.70
N PHE D 158 21.69 -15.60 -19.36
CA PHE D 158 20.63 -14.61 -19.50
C PHE D 158 19.33 -15.26 -20.02
N VAL D 159 18.23 -14.78 -19.44
N VAL D 159 18.19 -14.81 -19.49
CA VAL D 159 16.89 -15.20 -19.78
CA VAL D 159 16.90 -15.16 -20.13
C VAL D 159 16.02 -13.94 -19.82
C VAL D 159 15.95 -13.97 -20.11
N GLU D 160 15.14 -13.84 -20.80
N GLU D 160 14.95 -13.99 -20.98
CA GLU D 160 14.17 -12.74 -20.85
CA GLU D 160 13.96 -12.93 -21.03
C GLU D 160 12.99 -13.06 -19.92
C GLU D 160 12.91 -13.10 -19.94
N GLN D 161 12.26 -12.02 -19.56
CA GLN D 161 11.10 -12.13 -18.66
C GLN D 161 10.13 -13.28 -19.01
N SER D 162 9.81 -13.44 -20.30
CA SER D 162 8.83 -14.46 -20.71
C SER D 162 9.32 -15.89 -20.42
N GLN D 163 10.63 -16.12 -20.48
CA GLN D 163 11.16 -17.45 -20.20
C GLN D 163 11.11 -17.70 -18.70
N LEU D 164 11.47 -16.69 -17.92
CA LEU D 164 11.30 -16.74 -16.47
C LEU D 164 9.83 -17.06 -16.09
N GLN D 165 8.90 -16.35 -16.70
N GLN D 165 8.92 -16.32 -16.70
CA GLN D 165 7.48 -16.56 -16.40
CA GLN D 165 7.47 -16.50 -16.50
C GLN D 165 6.95 -17.94 -16.85
C GLN D 165 7.02 -17.93 -16.82
N ASP D 166 7.48 -18.45 -17.97
CA ASP D 166 7.15 -19.81 -18.40
C ASP D 166 7.59 -20.84 -17.35
N ALA D 167 8.79 -20.67 -16.80
CA ALA D 167 9.30 -21.59 -15.78
C ALA D 167 8.53 -21.49 -14.46
N VAL D 168 8.20 -20.26 -14.07
CA VAL D 168 7.33 -20.01 -12.91
C VAL D 168 5.99 -20.74 -13.08
N ASP D 169 5.34 -20.52 -14.22
CA ASP D 169 4.07 -21.18 -14.52
C ASP D 169 4.16 -22.69 -14.45
N ARG D 170 5.24 -23.25 -15.02
CA ARG D 170 5.44 -24.70 -15.00
C ARG D 170 5.59 -25.22 -13.57
N ALA D 171 6.39 -24.50 -12.78
CA ALA D 171 6.59 -24.82 -11.36
C ALA D 171 5.26 -24.83 -10.61
N ARG D 172 4.42 -23.83 -10.86
CA ARG D 172 3.12 -23.70 -10.18
C ARG D 172 2.15 -24.89 -10.39
N LYS D 173 2.22 -25.53 -11.56
CA LYS D 173 1.32 -26.67 -11.87
C LYS D 173 1.69 -27.97 -11.16
N ALA D 174 2.96 -28.10 -10.77
CA ALA D 174 3.50 -29.32 -10.16
C ALA D 174 2.75 -29.81 -8.93
N ALA D 175 2.70 -31.14 -8.73
CA ALA D 175 2.13 -31.75 -7.51
C ALA D 175 2.78 -31.16 -6.27
S SO4 E . -36.51 3.19 -13.21
O1 SO4 E . -37.77 2.81 -12.60
O2 SO4 E . -36.64 4.53 -13.79
O3 SO4 E . -35.46 3.19 -12.21
O4 SO4 E . -36.18 2.24 -14.27
S SO4 F . -32.40 -14.66 -4.61
O1 SO4 F . -32.20 -15.98 -5.20
O2 SO4 F . -33.39 -13.92 -5.38
O3 SO4 F . -32.83 -14.82 -3.22
O4 SO4 F . -31.15 -13.89 -4.65
S SO4 G . -37.49 1.14 2.14
O1 SO4 G . -38.16 -0.11 2.53
O2 SO4 G . -37.53 1.33 0.70
O3 SO4 G . -38.13 2.27 2.80
O4 SO4 G . -36.13 1.09 2.66
C1 EDO H . -2.56 1.92 -2.89
O1 EDO H . -1.79 2.64 -3.88
C2 EDO H . -2.66 0.46 -3.30
O2 EDO H . -4.01 -0.01 -3.12
S SO4 I . -7.54 16.13 -30.49
O1 SO4 I . -8.40 16.36 -29.33
O2 SO4 I . -8.31 15.54 -31.58
O3 SO4 I . -6.95 17.36 -30.97
O4 SO4 I . -6.41 15.26 -30.27
S SO4 J . -5.04 15.61 -35.38
O1 SO4 J . -4.59 14.66 -34.37
O2 SO4 J . -6.10 14.98 -36.18
O3 SO4 J . -5.54 16.82 -34.75
O4 SO4 J . -3.94 15.99 -36.27
S SO4 K . 9.84 11.30 -34.71
O1 SO4 K . 9.63 9.95 -35.26
O2 SO4 K . 10.75 12.03 -35.58
O3 SO4 K . 8.54 11.96 -34.65
O4 SO4 K . 10.46 11.16 -33.40
C1 EDO L . 7.57 -0.54 -16.04
O1 EDO L . 8.37 0.68 -16.02
C2 EDO L . 6.09 -0.35 -16.40
O2 EDO L . 5.13 -0.81 -15.37
S SO4 M . -16.59 -3.49 38.86
O1 SO4 M . -16.70 -4.69 39.68
O2 SO4 M . -17.92 -2.95 38.63
O3 SO4 M . -15.77 -2.56 39.63
O4 SO4 M . -16.13 -3.89 37.54
S SO4 N . -19.60 -9.32 22.80
O1 SO4 N . -21.01 -9.66 22.97
O2 SO4 N . -19.45 -8.35 21.74
O3 SO4 N . -19.13 -8.82 24.08
O4 SO4 N . -18.84 -10.50 22.45
S SO4 O . -19.48 -7.90 36.62
O1 SO4 O . -19.67 -7.91 38.07
O2 SO4 O . -19.29 -9.28 36.18
O3 SO4 O . -20.65 -7.31 35.98
O4 SO4 O . -18.29 -7.13 36.27
S SO4 P . 0.82 -3.77 19.13
O1 SO4 P . -0.09 -4.80 19.48
O2 SO4 P . 0.20 -2.75 18.30
O3 SO4 P . 1.34 -3.09 20.32
O4 SO4 P . 1.96 -4.24 18.37
C1 EDO Q . 4.41 14.08 32.98
O1 EDO Q . 5.68 13.47 33.25
C2 EDO Q . 4.45 15.57 33.30
O2 EDO Q . 3.65 16.28 32.35
C1 EDO R . 4.73 -3.47 20.58
O1 EDO R . 3.76 -4.12 19.77
C2 EDO R . 4.44 -1.97 20.52
O2 EDO R . 4.66 -1.43 21.83
S SO4 S . 29.40 4.54 14.02
O1 SO4 S . 28.44 3.44 14.09
O2 SO4 S . 28.73 5.71 13.45
O3 SO4 S . 29.68 4.82 15.43
O4 SO4 S . 30.56 4.21 13.21
S SO4 T . 40.37 -7.22 -11.37
O1 SO4 T . 40.55 -8.59 -10.93
O2 SO4 T . 39.14 -6.52 -10.95
O3 SO4 T . 41.49 -6.43 -10.85
O4 SO4 T . 40.32 -7.13 -12.83
S SO4 U . 40.39 -1.72 -12.44
O1 SO4 U . 39.69 -2.33 -11.33
O2 SO4 U . 39.49 -0.79 -13.13
O3 SO4 U . 41.57 -1.03 -11.92
O4 SO4 U . 40.78 -2.75 -13.40
S SO4 V . 28.38 5.50 -12.80
O1 SO4 V . 27.11 4.94 -13.22
O2 SO4 V . 28.85 6.44 -13.82
O3 SO4 V . 28.21 6.18 -11.54
O4 SO4 V . 29.41 4.49 -12.62
S SO4 W . 18.68 -4.93 3.39
O1 SO4 W . 19.43 -6.18 3.56
O2 SO4 W . 17.39 -5.30 2.88
O3 SO4 W . 18.55 -4.36 4.72
O4 SO4 W . 19.35 -3.99 2.58
C1 EDO X . 36.38 -14.71 -2.22
O1 EDO X . 37.18 -15.83 -1.82
C2 EDO X . 35.63 -14.18 -1.00
O2 EDO X . 35.72 -12.75 -0.95
C1 EDO Y . 18.59 -8.91 -9.94
O1 EDO Y . 17.62 -9.66 -10.63
C2 EDO Y . 19.75 -8.68 -10.85
O2 EDO Y . 19.86 -7.30 -11.15
#